data_3TCM
#
_entry.id   3TCM
#
_cell.length_a   119.859
_cell.length_b   126.973
_cell.length_c   75.663
_cell.angle_alpha   90.00
_cell.angle_beta   90.00
_cell.angle_gamma   90.00
#
_symmetry.space_group_name_H-M   'P 21 21 2'
#
loop_
_entity.id
_entity.type
_entity.pdbx_description
1 polymer 'Alanine aminotransferase 2'
2 non-polymer D-[3-HYDROXY-2-METHYL-5-PHOSPHONOOXYMETHYL-PYRIDIN-4-YLMETHYL]-N,O-CYCLOSERYLAMIDE
3 water water
#
_entity_poly.entity_id   1
_entity_poly.type   'polypeptide(L)'
_entity_poly.pdbx_seq_one_letter_code
;MHHHHHHHHHHGTDDDDKMAATVAVDNLNPKVLKCEYAVRGEIVIHAQRLQEQLKTQPGSLPFDEILYCNIGNPQSLGQQ
PVTFFREVLALCDHPDLLQREEIKTLFSADSISRAKQILAMIPGRATGAYSHSQGIHGLRDAIASGIASRDGFPANADDI
FLTDGASPGVHLMMQLLIRNEKDGILVPIPQYPLYSASIALHGGALVPYYLNESTGWGLETSDVKKQLEDARSRGINVRA
LVVINPGNPTGQVLAEENQYDIVKFCKNEGLVLLADEVYQENIYVDNKKFHSFKKIVRSLGYGEEDLPLVSYQSVSKGYY
GECGKRGGYFEITGFSAPVREQIYKIASVNLCSNITGQILASLVMNPPKASDESYASYKAEKDGILASLARRAKALEHAF
NKLEGITCNEAEGAMYVFPQICLPQKAIEAAKAANKAPDAFYALRLLESTGIVVVPGSGFGQVPGTWHFRCTILPQEDKI
PAVISRFTVFHEAFMSEYRD
;
_entity_poly.pdbx_strand_id   A,B
#
loop_
_chem_comp.id
_chem_comp.type
_chem_comp.name
_chem_comp.formula
DCS non-polymer D-[3-HYDROXY-2-METHYL-5-PHOSPHONOOXYMETHYL-PYRIDIN-4-YLMETHYL]-N,O-CYCLOSERYLAMIDE 'C11 H16 N3 O7 P'
#
# COMPACT_ATOMS: atom_id res chain seq x y z
N ALA A 21 -25.40 -2.09 19.21
CA ALA A 21 -24.37 -1.84 20.27
C ALA A 21 -23.27 -0.96 19.65
N THR A 22 -22.72 -0.04 20.45
CA THR A 22 -21.68 0.88 19.94
C THR A 22 -20.47 0.05 19.62
N VAL A 23 -19.79 0.45 18.55
CA VAL A 23 -18.50 -0.07 18.19
C VAL A 23 -17.54 0.20 19.38
N ALA A 24 -16.98 -0.86 19.93
CA ALA A 24 -16.06 -0.70 21.04
C ALA A 24 -15.02 -1.80 20.93
N VAL A 25 -13.87 -1.55 21.59
CA VAL A 25 -12.81 -2.54 21.76
C VAL A 25 -13.34 -3.93 22.07
N ASP A 26 -14.37 -4.06 22.90
CA ASP A 26 -14.90 -5.41 23.19
C ASP A 26 -15.49 -6.14 21.99
N ASN A 27 -16.01 -5.41 21.00
CA ASN A 27 -16.64 -6.04 19.83
C ASN A 27 -15.89 -5.85 18.52
N LEU A 28 -14.59 -5.55 18.58
CA LEU A 28 -13.76 -5.57 17.36
C LEU A 28 -13.22 -6.96 17.04
N ASN A 29 -12.74 -7.11 15.82
CA ASN A 29 -12.16 -8.32 15.33
C ASN A 29 -11.08 -8.77 16.29
N PRO A 30 -11.19 -10.02 16.81
CA PRO A 30 -10.15 -10.57 17.69
C PRO A 30 -8.73 -10.49 17.10
N LYS A 31 -8.60 -10.72 15.79
CA LYS A 31 -7.29 -10.72 15.14
C LYS A 31 -6.63 -9.36 15.20
N VAL A 32 -7.41 -8.30 15.14
CA VAL A 32 -6.87 -6.96 15.39
C VAL A 32 -6.40 -6.80 16.88
N LEU A 33 -7.14 -7.32 17.86
CA LEU A 33 -6.76 -7.22 19.29
C LEU A 33 -5.51 -8.01 19.73
N LYS A 34 -5.29 -9.17 19.10
CA LYS A 34 -4.14 -9.99 19.46
C LYS A 34 -2.88 -9.52 18.74
N CYS A 35 -3.10 -8.89 17.58
CA CYS A 35 -2.10 -8.12 16.86
C CYS A 35 -1.36 -7.11 17.74
N GLU A 36 -0.03 -7.09 17.63
CA GLU A 36 0.80 -6.14 18.36
C GLU A 36 2.04 -5.81 17.49
N TYR A 37 2.37 -4.53 17.42
CA TYR A 37 3.49 -4.08 16.61
C TYR A 37 4.42 -3.09 17.37
N ALA A 38 5.44 -3.62 18.07
CA ALA A 38 6.15 -2.80 19.08
C ALA A 38 6.93 -1.59 18.51
N VAL A 39 7.42 -1.73 17.27
CA VAL A 39 8.22 -0.72 16.59
C VAL A 39 7.60 0.67 16.57
N ARG A 40 6.28 0.70 16.60
CA ARG A 40 5.48 1.91 16.53
C ARG A 40 4.39 1.74 17.56
N GLY A 41 4.74 1.28 18.76
CA GLY A 41 3.73 1.01 19.77
C GLY A 41 3.83 1.85 21.01
N GLU A 42 3.70 1.19 22.15
CA GLU A 42 3.60 1.81 23.47
C GLU A 42 4.70 2.84 23.73
N ILE A 43 5.93 2.46 23.48
CA ILE A 43 7.04 3.39 23.71
C ILE A 43 6.98 4.65 22.80
N VAL A 44 6.43 4.52 21.60
CA VAL A 44 6.49 5.63 20.65
C VAL A 44 5.39 6.61 20.92
N ILE A 45 4.28 6.08 21.40
CA ILE A 45 3.16 6.92 21.78
C ILE A 45 3.55 7.71 23.02
N HIS A 46 4.16 7.05 23.98
CA HIS A 46 4.75 7.76 25.11
C HIS A 46 5.73 8.84 24.61
N ALA A 47 6.60 8.53 23.65
CA ALA A 47 7.56 9.52 23.13
C ALA A 47 6.93 10.78 22.55
N GLN A 48 5.78 10.62 21.90
CA GLN A 48 5.09 11.75 21.29
C GLN A 48 4.40 12.69 22.31
N ARG A 49 3.92 12.11 23.43
CA ARG A 49 3.47 12.85 24.61
C ARG A 49 4.64 13.70 25.10
N LEU A 50 5.80 13.08 25.29
CA LEU A 50 7.01 13.81 25.62
C LEU A 50 7.50 14.81 24.54
N GLN A 51 7.35 14.49 23.27
CA GLN A 51 7.61 15.47 22.21
C GLN A 51 6.86 16.81 22.43
N GLU A 52 5.54 16.74 22.63
CA GLU A 52 4.72 17.91 22.95
C GLU A 52 5.22 18.62 24.21
N GLN A 53 5.58 17.85 25.23
CA GLN A 53 6.01 18.46 26.45
C GLN A 53 7.15 19.43 26.25
N LEU A 54 8.00 19.23 25.24
CA LEU A 54 9.02 20.26 25.00
C LEU A 54 8.86 21.17 23.76
N LYS A 55 7.67 21.14 23.14
CA LYS A 55 7.21 22.30 22.41
C LYS A 55 6.60 23.23 23.45
N THR A 56 5.65 22.70 24.22
CA THR A 56 4.88 23.42 25.23
C THR A 56 5.75 23.99 26.36
N GLN A 57 6.51 23.12 27.03
CA GLN A 57 7.21 23.52 28.24
C GLN A 57 8.73 23.37 28.16
N PRO A 58 9.37 24.14 27.35
CA PRO A 58 10.78 24.00 27.28
C PRO A 58 11.41 24.07 28.67
N GLY A 59 12.34 23.17 28.86
CA GLY A 59 13.07 23.04 30.08
C GLY A 59 12.48 22.24 31.21
N SER A 60 11.32 21.65 31.07
CA SER A 60 10.80 20.88 32.15
C SER A 60 11.35 19.48 32.07
N LEU A 61 12.03 19.19 30.99
CA LEU A 61 12.61 17.89 30.72
C LEU A 61 14.10 17.94 30.84
N PRO A 62 14.65 16.88 31.33
CA PRO A 62 16.07 16.74 31.54
C PRO A 62 16.91 16.58 30.31
N PHE A 63 16.28 16.63 29.17
CA PHE A 63 16.99 16.47 27.90
C PHE A 63 16.31 17.45 26.93
N ASP A 64 16.92 17.69 25.76
CA ASP A 64 16.36 18.65 24.79
C ASP A 64 15.61 17.99 23.62
N GLU A 65 16.27 17.14 22.84
CA GLU A 65 15.60 16.47 21.72
C GLU A 65 14.98 15.14 22.16
N ILE A 66 13.98 14.68 21.41
CA ILE A 66 13.68 13.26 21.40
C ILE A 66 14.49 12.61 20.25
N LEU A 67 15.33 11.63 20.59
CA LEU A 67 16.04 10.82 19.59
C LEU A 67 15.39 9.46 19.27
N TYR A 68 14.72 9.38 18.12
CA TYR A 68 14.08 8.14 17.65
C TYR A 68 15.09 7.09 17.21
N CYS A 69 15.36 6.14 18.08
CA CYS A 69 16.48 5.21 17.88
CA CYS A 69 16.37 5.15 17.79
C CYS A 69 15.67 3.89 17.64
N ASN A 70 14.42 4.04 17.34
CA ASN A 70 13.48 2.92 17.32
C ASN A 70 13.13 2.34 15.96
N ILE A 71 13.48 3.03 14.90
CA ILE A 71 12.99 2.66 13.60
C ILE A 71 14.11 2.86 12.59
N GLY A 72 14.30 1.86 11.72
CA GLY A 72 15.31 1.93 10.66
C GLY A 72 14.85 2.90 9.58
N ASN A 73 15.14 4.18 9.78
CA ASN A 73 14.61 5.27 8.99
C ASN A 73 15.76 6.22 8.68
N PRO A 74 16.70 5.77 7.85
CA PRO A 74 17.99 6.44 7.77
C PRO A 74 17.87 7.92 7.53
N GLN A 75 17.10 8.33 6.56
CA GLN A 75 16.97 9.74 6.27
C GLN A 75 16.40 10.59 7.37
N SER A 76 15.75 10.00 8.32
CA SER A 76 15.15 10.70 9.43
C SER A 76 16.26 11.36 10.15
N LEU A 77 17.34 10.64 10.22
CA LEU A 77 18.59 11.01 10.83
C LEU A 77 19.35 11.70 9.71
N GLY A 78 20.64 11.81 9.78
CA GLY A 78 21.37 12.51 8.74
C GLY A 78 21.41 12.16 7.28
N GLN A 79 21.36 10.88 6.93
CA GLN A 79 21.47 10.43 5.57
C GLN A 79 20.84 11.26 4.48
N GLN A 80 21.74 11.54 3.53
CA GLN A 80 21.52 12.33 2.34
C GLN A 80 20.97 11.45 1.25
N PRO A 81 19.92 11.95 0.56
CA PRO A 81 19.40 11.17 -0.55
C PRO A 81 20.46 11.09 -1.69
N VAL A 82 20.62 9.91 -2.29
CA VAL A 82 21.43 9.71 -3.47
C VAL A 82 20.85 10.64 -4.53
N THR A 83 21.72 11.25 -5.31
CA THR A 83 21.28 12.33 -6.18
C THR A 83 20.78 11.78 -7.52
N PHE A 84 21.53 10.87 -8.13
CA PHE A 84 21.08 10.30 -9.39
C PHE A 84 19.60 9.82 -9.33
N PHE A 85 19.27 9.13 -8.24
CA PHE A 85 17.93 8.70 -7.93
C PHE A 85 16.96 9.85 -7.88
N ARG A 86 17.23 10.86 -7.08
CA ARG A 86 16.29 11.98 -7.03
C ARG A 86 16.21 12.76 -8.36
N GLU A 87 17.29 12.77 -9.12
CA GLU A 87 17.28 13.51 -10.39
C GLU A 87 16.29 12.92 -11.36
N VAL A 88 16.38 11.61 -11.57
CA VAL A 88 15.50 10.89 -12.45
C VAL A 88 14.05 10.98 -12.01
N LEU A 89 13.83 10.90 -10.70
CA LEU A 89 12.48 10.99 -10.18
C LEU A 89 11.88 12.37 -10.31
N ALA A 90 12.71 13.41 -10.24
CA ALA A 90 12.17 14.74 -10.45
C ALA A 90 11.79 14.89 -11.93
N LEU A 91 12.59 14.24 -12.80
CA LEU A 91 12.37 14.27 -14.24
C LEU A 91 11.13 13.50 -14.69
N CYS A 92 10.97 12.27 -14.27
CA CYS A 92 9.83 11.47 -14.61
C CYS A 92 8.59 12.18 -14.08
N ASP A 93 8.69 12.80 -12.94
CA ASP A 93 7.56 13.52 -12.35
C ASP A 93 7.05 14.72 -13.15
N HIS A 94 7.93 15.47 -13.77
CA HIS A 94 7.61 16.62 -14.56
C HIS A 94 8.36 16.38 -15.86
N PRO A 95 7.80 15.61 -16.76
CA PRO A 95 8.44 15.29 -18.02
C PRO A 95 8.59 16.41 -19.03
N ASP A 96 7.85 17.50 -18.86
CA ASP A 96 7.93 18.67 -19.77
C ASP A 96 9.29 19.36 -19.64
N LEU A 97 9.88 19.24 -18.47
CA LEU A 97 11.24 19.69 -18.24
C LEU A 97 12.19 19.24 -19.34
N LEU A 98 11.90 18.09 -19.95
CA LEU A 98 12.79 17.47 -20.95
C LEU A 98 12.81 18.21 -22.31
N GLN A 99 11.83 19.09 -22.51
CA GLN A 99 11.73 19.95 -23.68
C GLN A 99 12.36 21.32 -23.37
N ARG A 100 13.39 21.36 -22.54
CA ARG A 100 14.02 22.63 -22.20
C ARG A 100 15.54 22.54 -21.96
N GLU A 101 16.25 23.41 -22.67
CA GLU A 101 17.70 23.32 -22.89
C GLU A 101 18.51 23.63 -21.63
N GLU A 102 17.87 24.28 -20.67
CA GLU A 102 18.50 24.67 -19.42
C GLU A 102 18.83 23.46 -18.55
N ILE A 103 17.89 22.52 -18.48
CA ILE A 103 18.00 21.41 -17.58
C ILE A 103 19.36 20.79 -17.67
N LYS A 104 19.98 20.86 -18.87
CA LYS A 104 21.34 20.34 -19.11
C LYS A 104 22.39 20.84 -18.12
N THR A 105 22.24 22.08 -17.67
CA THR A 105 23.11 22.65 -16.64
C THR A 105 22.87 22.03 -15.28
N LEU A 106 21.61 21.99 -14.83
CA LEU A 106 21.31 21.40 -13.51
C LEU A 106 21.22 19.87 -13.38
N PHE A 107 20.73 19.15 -14.38
CA PHE A 107 20.68 17.70 -14.25
C PHE A 107 21.84 16.98 -14.93
N SER A 108 22.38 15.96 -14.27
CA SER A 108 23.33 15.05 -14.89
C SER A 108 22.80 14.52 -16.23
N ALA A 109 23.72 14.14 -17.11
CA ALA A 109 23.42 13.79 -18.48
C ALA A 109 22.74 12.45 -18.56
N ASP A 110 23.24 11.50 -17.76
CA ASP A 110 22.72 10.13 -17.75
C ASP A 110 21.45 10.01 -16.89
N SER A 111 21.17 11.02 -16.09
CA SER A 111 19.91 11.05 -15.38
C SER A 111 18.80 11.44 -16.36
N ILE A 112 19.05 12.46 -17.18
CA ILE A 112 18.19 12.84 -18.30
C ILE A 112 18.01 11.69 -19.32
N SER A 113 19.08 10.94 -19.53
CA SER A 113 19.04 9.84 -20.45
C SER A 113 18.24 8.70 -19.85
N ARG A 114 18.30 8.53 -18.53
CA ARG A 114 17.58 7.44 -17.88
C ARG A 114 16.09 7.77 -17.75
N ALA A 115 15.77 9.03 -17.50
CA ALA A 115 14.40 9.44 -17.38
C ALA A 115 13.67 9.12 -18.67
N LYS A 116 14.29 9.49 -19.77
CA LYS A 116 13.77 9.32 -21.13
C LYS A 116 13.59 7.87 -21.51
N GLN A 117 14.53 7.03 -21.11
CA GLN A 117 14.42 5.60 -21.39
C GLN A 117 13.23 5.01 -20.63
N ILE A 118 13.00 5.54 -19.41
CA ILE A 118 11.92 5.08 -18.52
C ILE A 118 10.54 5.49 -19.01
N LEU A 119 10.35 6.78 -19.26
CA LEU A 119 9.11 7.23 -19.85
C LEU A 119 8.73 6.47 -21.14
N ALA A 120 9.72 5.93 -21.81
CA ALA A 120 9.46 5.26 -23.06
C ALA A 120 8.98 3.85 -22.83
N MET A 121 8.96 3.39 -21.60
CA MET A 121 8.49 2.02 -21.36
C MET A 121 7.18 1.97 -20.61
N ILE A 122 6.61 3.12 -20.33
CA ILE A 122 5.34 3.20 -19.64
C ILE A 122 4.58 3.30 -20.94
N PRO A 123 3.39 2.77 -21.05
CA PRO A 123 2.64 2.82 -22.29
C PRO A 123 2.27 4.08 -23.03
N GLY A 124 1.86 5.18 -22.43
CA GLY A 124 1.53 6.33 -23.23
C GLY A 124 2.25 7.40 -22.49
N ARG A 125 3.44 7.08 -22.04
CA ARG A 125 4.21 8.08 -21.27
C ARG A 125 3.46 8.54 -19.99
N ALA A 126 2.58 7.68 -19.48
CA ALA A 126 1.68 8.02 -18.36
C ALA A 126 2.17 7.46 -17.04
N THR A 127 2.85 8.34 -16.34
CA THR A 127 3.51 8.09 -15.09
C THR A 127 2.46 8.14 -13.94
N GLY A 128 1.28 8.65 -14.29
CA GLY A 128 0.22 8.87 -13.34
C GLY A 128 -0.88 7.84 -13.38
N ALA A 129 -0.89 7.03 -14.44
CA ALA A 129 -1.85 5.94 -14.63
C ALA A 129 -1.53 4.75 -13.72
N TYR A 130 -2.50 3.86 -13.50
CA TYR A 130 -2.26 2.54 -12.88
C TYR A 130 -1.39 1.74 -13.84
N SER A 131 -0.45 0.96 -13.29
CA SER A 131 0.33 0.06 -14.12
C SER A 131 -0.38 -1.29 -14.14
N HIS A 132 0.16 -2.26 -14.86
CA HIS A 132 -0.19 -3.69 -14.72
C HIS A 132 0.00 -4.01 -13.26
N SER A 133 -0.83 -4.88 -12.72
CA SER A 133 -0.87 -4.93 -11.27
C SER A 133 0.33 -5.59 -10.63
N GLN A 134 1.17 -6.16 -11.48
CA GLN A 134 2.48 -6.71 -11.09
C GLN A 134 3.60 -5.67 -11.14
N GLY A 135 3.32 -4.51 -11.73
CA GLY A 135 4.34 -3.46 -12.02
C GLY A 135 4.48 -3.19 -13.51
N ILE A 136 4.90 -2.00 -13.91
CA ILE A 136 5.16 -1.73 -15.33
C ILE A 136 6.02 -2.86 -15.82
N HIS A 137 5.83 -3.32 -17.05
CA HIS A 137 6.61 -4.46 -17.53
C HIS A 137 8.13 -4.16 -17.65
N GLY A 138 8.49 -3.06 -18.30
CA GLY A 138 9.89 -2.69 -18.43
C GLY A 138 10.62 -2.79 -17.08
N LEU A 139 10.14 -2.00 -16.11
CA LEU A 139 10.72 -2.01 -14.77
C LEU A 139 10.90 -3.41 -14.23
N ARG A 140 9.98 -4.33 -14.48
CA ARG A 140 10.14 -5.72 -14.10
C ARG A 140 11.27 -6.42 -14.83
N ASP A 141 11.40 -6.18 -16.13
CA ASP A 141 12.56 -6.64 -16.92
C ASP A 141 13.87 -6.11 -16.36
N ALA A 142 13.94 -4.82 -16.09
CA ALA A 142 15.15 -4.24 -15.50
C ALA A 142 15.57 -4.94 -14.20
N ILE A 143 14.59 -5.30 -13.39
CA ILE A 143 14.84 -5.85 -12.09
C ILE A 143 15.27 -7.30 -12.24
N ALA A 144 14.61 -8.00 -13.18
CA ALA A 144 15.00 -9.36 -13.53
C ALA A 144 16.45 -9.47 -14.05
N SER A 145 16.92 -8.45 -14.77
CA SER A 145 18.30 -8.38 -15.21
C SER A 145 19.30 -8.04 -14.10
N GLY A 146 18.84 -7.33 -13.08
CA GLY A 146 19.63 -7.04 -11.89
C GLY A 146 19.75 -8.27 -11.01
N ILE A 147 18.74 -9.11 -11.00
CA ILE A 147 18.76 -10.30 -10.17
C ILE A 147 19.76 -11.28 -10.76
N ALA A 148 19.86 -11.27 -12.09
CA ALA A 148 20.63 -12.25 -12.84
C ALA A 148 22.12 -11.89 -12.92
N SER A 149 22.44 -10.61 -12.68
CA SER A 149 23.82 -10.19 -12.61
C SER A 149 24.27 -10.04 -11.14
N ARG A 150 23.74 -10.92 -10.30
CA ARG A 150 23.92 -10.89 -8.87
C ARG A 150 23.98 -12.35 -8.48
N ASP A 151 23.34 -13.19 -9.30
CA ASP A 151 23.20 -14.62 -9.02
C ASP A 151 24.08 -15.48 -9.94
N GLY A 152 24.19 -15.10 -11.21
CA GLY A 152 24.73 -15.97 -12.27
C GLY A 152 23.65 -16.88 -12.89
N PHE A 153 22.37 -16.52 -12.66
CA PHE A 153 21.24 -17.35 -13.05
C PHE A 153 20.09 -16.50 -13.55
N PRO A 154 19.47 -16.84 -14.65
CA PRO A 154 18.38 -15.99 -15.11
C PRO A 154 17.14 -15.87 -14.25
N ALA A 155 16.47 -14.75 -14.47
CA ALA A 155 15.26 -14.38 -13.78
C ALA A 155 14.20 -13.98 -14.79
N ASN A 156 12.92 -14.14 -14.44
CA ASN A 156 11.82 -13.78 -15.32
C ASN A 156 10.99 -12.61 -14.90
N ALA A 157 10.60 -11.77 -15.82
CA ALA A 157 9.78 -10.61 -15.56
C ALA A 157 8.46 -11.08 -15.04
N ASP A 158 7.99 -12.19 -15.55
CA ASP A 158 6.72 -12.70 -15.09
C ASP A 158 6.68 -13.07 -13.61
N ASP A 159 7.79 -13.44 -13.03
CA ASP A 159 7.88 -13.81 -11.64
C ASP A 159 7.96 -12.72 -10.62
N ILE A 160 8.19 -11.50 -11.04
CA ILE A 160 8.32 -10.33 -10.19
C ILE A 160 6.98 -9.62 -9.97
N PHE A 161 6.78 -9.17 -8.74
CA PHE A 161 5.61 -8.36 -8.34
C PHE A 161 6.12 -7.15 -7.62
N LEU A 162 5.92 -5.99 -8.19
CA LEU A 162 6.30 -4.76 -7.54
C LEU A 162 5.24 -4.34 -6.46
N THR A 163 5.73 -3.91 -5.30
CA THR A 163 4.87 -3.64 -4.13
C THR A 163 5.15 -2.30 -3.41
N ASP A 164 4.18 -1.78 -2.68
CA ASP A 164 4.39 -0.57 -1.88
C ASP A 164 5.31 -0.85 -0.70
N GLY A 165 6.58 -1.08 -0.98
CA GLY A 165 7.48 -1.63 0.01
C GLY A 165 7.49 -3.14 -0.07
N ALA A 166 8.35 -3.77 0.74
CA ALA A 166 8.27 -5.22 1.01
C ALA A 166 7.06 -5.63 1.85
N SER A 167 6.59 -4.76 2.74
CA SER A 167 5.47 -5.11 3.63
C SER A 167 4.25 -5.74 2.98
N PRO A 168 3.62 -5.09 1.99
CA PRO A 168 2.41 -5.74 1.45
C PRO A 168 2.61 -7.16 0.96
N GLY A 169 3.83 -7.47 0.52
CA GLY A 169 4.17 -8.83 0.05
C GLY A 169 4.19 -9.93 1.12
N VAL A 170 4.49 -9.55 2.35
CA VAL A 170 4.36 -10.44 3.46
C VAL A 170 2.89 -10.65 3.76
N HIS A 171 2.10 -9.59 3.82
CA HIS A 171 0.64 -9.75 3.99
C HIS A 171 0.02 -10.64 2.94
N LEU A 172 0.30 -10.36 1.67
CA LEU A 172 -0.22 -11.14 0.57
C LEU A 172 0.00 -12.63 0.84
N MET A 173 1.23 -13.00 1.22
CA MET A 173 1.62 -14.37 1.40
C MET A 173 0.99 -15.03 2.65
N MET A 174 0.95 -14.34 3.80
CA MET A 174 0.23 -14.86 4.98
C MET A 174 -1.22 -15.14 4.63
N GLN A 175 -1.82 -14.18 3.94
CA GLN A 175 -3.18 -14.34 3.45
C GLN A 175 -3.47 -15.46 2.45
N LEU A 176 -2.49 -15.79 1.63
CA LEU A 176 -2.60 -16.87 0.64
C LEU A 176 -2.64 -18.23 1.31
N LEU A 177 -1.85 -18.37 2.35
CA LEU A 177 -1.39 -19.64 2.90
C LEU A 177 -2.06 -20.07 4.21
N ILE A 178 -2.54 -19.11 5.00
CA ILE A 178 -3.14 -19.39 6.28
C ILE A 178 -4.64 -19.57 6.13
N ARG A 179 -5.13 -20.79 6.25
CA ARG A 179 -6.54 -21.00 6.13
C ARG A 179 -7.23 -21.01 7.45
N ASN A 180 -6.46 -21.41 8.41
CA ASN A 180 -6.86 -21.63 9.74
C ASN A 180 -5.97 -21.22 10.82
N GLU A 181 -6.54 -21.17 11.98
CA GLU A 181 -5.91 -20.81 13.25
C GLU A 181 -4.85 -21.89 13.41
N LYS A 182 -5.13 -23.08 12.93
CA LYS A 182 -4.24 -24.22 12.94
C LYS A 182 -3.05 -24.13 11.96
N ASP A 183 -3.07 -23.21 11.00
CA ASP A 183 -1.97 -23.03 10.01
C ASP A 183 -0.78 -22.35 10.67
N GLY A 184 0.45 -22.69 10.31
CA GLY A 184 1.60 -22.19 11.01
C GLY A 184 2.74 -21.82 10.09
N ILE A 185 3.54 -20.89 10.60
CA ILE A 185 4.70 -20.37 9.91
C ILE A 185 5.83 -20.38 10.93
N LEU A 186 7.02 -20.80 10.48
CA LEU A 186 8.15 -20.84 11.36
C LEU A 186 8.80 -19.53 11.26
N VAL A 187 8.98 -18.88 12.41
CA VAL A 187 9.53 -17.55 12.50
C VAL A 187 10.72 -17.50 13.48
N PRO A 188 11.79 -16.77 13.11
CA PRO A 188 12.93 -16.72 14.02
C PRO A 188 12.53 -15.97 15.25
N ILE A 189 13.12 -16.31 16.37
CA ILE A 189 12.97 -15.53 17.57
C ILE A 189 14.41 -15.17 17.93
N PRO A 190 14.72 -13.87 17.95
CA PRO A 190 13.82 -12.70 17.76
C PRO A 190 13.56 -12.33 16.32
N GLN A 191 12.41 -11.74 16.02
CA GLN A 191 12.08 -11.39 14.64
C GLN A 191 11.56 -9.96 14.50
N TYR A 192 11.81 -9.36 13.35
CA TYR A 192 11.20 -8.11 13.01
C TYR A 192 9.71 -8.39 13.10
N PRO A 193 8.97 -7.63 13.93
CA PRO A 193 7.63 -8.10 14.24
C PRO A 193 6.54 -7.74 13.26
N LEU A 194 6.89 -7.56 11.98
CA LEU A 194 5.85 -7.51 10.96
C LEU A 194 5.32 -8.90 10.75
N TYR A 195 6.15 -9.90 11.06
CA TYR A 195 5.75 -11.28 10.89
C TYR A 195 4.77 -11.68 11.93
N SER A 196 5.12 -11.47 13.20
CA SER A 196 4.21 -11.78 14.30
C SER A 196 2.96 -10.92 14.23
N ALA A 197 3.04 -9.70 13.69
CA ALA A 197 1.84 -8.86 13.52
C ALA A 197 0.99 -9.36 12.34
N SER A 198 1.62 -9.53 11.18
CA SER A 198 0.91 -10.06 10.03
C SER A 198 0.20 -11.39 10.35
N ILE A 199 0.85 -12.28 11.12
CA ILE A 199 0.32 -13.64 11.39
C ILE A 199 -0.88 -13.69 12.35
N ALA A 200 -0.90 -12.80 13.33
CA ALA A 200 -2.08 -12.57 14.14
C ALA A 200 -3.20 -12.01 13.27
N LEU A 201 -2.85 -11.05 12.41
CA LEU A 201 -3.86 -10.38 11.57
C LEU A 201 -4.53 -11.33 10.60
N HIS A 202 -3.84 -12.35 10.16
CA HIS A 202 -4.48 -13.23 9.24
C HIS A 202 -4.97 -14.51 9.95
N GLY A 203 -4.86 -14.51 11.28
CA GLY A 203 -5.42 -15.50 12.17
C GLY A 203 -4.75 -16.86 12.18
N GLY A 204 -3.43 -16.89 12.07
CA GLY A 204 -2.70 -18.16 11.99
C GLY A 204 -1.76 -18.34 13.17
N ALA A 205 -1.17 -19.53 13.31
CA ALA A 205 -0.29 -19.85 14.43
C ALA A 205 1.18 -19.42 14.20
N LEU A 206 1.80 -18.85 15.22
CA LEU A 206 3.21 -18.53 15.06
C LEU A 206 4.06 -19.60 15.70
N VAL A 207 4.93 -20.21 14.92
CA VAL A 207 5.75 -21.26 15.44
C VAL A 207 7.21 -20.80 15.54
N PRO A 208 7.69 -20.55 16.76
CA PRO A 208 9.04 -20.04 16.91
C PRO A 208 10.13 -21.03 16.56
N TYR A 209 11.20 -20.55 15.91
CA TYR A 209 12.54 -21.16 16.05
C TYR A 209 13.56 -20.16 16.65
N TYR A 210 14.59 -20.69 17.36
CA TYR A 210 15.38 -19.90 18.32
C TYR A 210 16.82 -19.65 17.87
N LEU A 211 17.16 -18.39 17.59
CA LEU A 211 18.53 -18.07 17.15
C LEU A 211 19.44 -18.03 18.36
N ASN A 212 20.58 -18.70 18.24
CA ASN A 212 21.47 -18.91 19.35
C ASN A 212 22.29 -17.68 19.69
N GLU A 213 21.95 -16.93 20.74
CA GLU A 213 22.73 -15.73 21.01
C GLU A 213 24.25 -16.02 21.16
N SER A 214 24.59 -17.09 21.85
CA SER A 214 25.98 -17.43 22.07
C SER A 214 26.70 -17.76 20.74
N THR A 215 26.05 -18.41 19.78
CA THR A 215 26.69 -18.82 18.52
C THR A 215 26.59 -17.76 17.44
N GLY A 216 26.61 -16.48 17.84
CA GLY A 216 26.47 -15.34 16.93
C GLY A 216 25.09 -15.13 16.35
N TRP A 217 24.05 -15.54 17.09
CA TRP A 217 22.68 -15.65 16.58
C TRP A 217 22.54 -16.72 15.49
N GLY A 218 23.08 -17.89 15.75
CA GLY A 218 23.14 -18.94 14.76
C GLY A 218 21.84 -19.70 14.62
N LEU A 219 21.47 -19.95 13.36
CA LEU A 219 20.33 -20.76 12.98
C LEU A 219 20.76 -22.20 12.68
N GLU A 220 20.29 -23.12 13.52
CA GLU A 220 20.68 -24.51 13.44
C GLU A 220 19.46 -25.33 13.02
N THR A 221 19.60 -26.10 11.95
CA THR A 221 18.48 -26.78 11.31
C THR A 221 17.86 -27.89 12.18
N SER A 222 18.63 -28.41 13.14
CA SER A 222 18.09 -29.39 14.07
C SER A 222 17.13 -28.74 15.07
N ASP A 223 17.41 -27.50 15.46
CA ASP A 223 16.50 -26.73 16.29
C ASP A 223 15.19 -26.43 15.59
N VAL A 224 15.28 -25.99 14.33
CA VAL A 224 14.11 -25.81 13.48
C VAL A 224 13.34 -27.09 13.41
N LYS A 225 14.02 -28.19 13.10
CA LYS A 225 13.36 -29.47 12.97
C LYS A 225 12.57 -29.80 14.24
N LYS A 226 13.25 -29.74 15.39
CA LYS A 226 12.66 -30.01 16.69
C LYS A 226 11.42 -29.16 16.95
N GLN A 227 11.54 -27.86 16.68
CA GLN A 227 10.43 -26.94 16.80
C GLN A 227 9.31 -27.26 15.80
N LEU A 228 9.67 -27.70 14.60
CA LEU A 228 8.65 -28.12 13.66
C LEU A 228 7.90 -29.38 14.13
N GLU A 229 8.61 -30.38 14.64
CA GLU A 229 7.90 -31.51 15.26
C GLU A 229 7.01 -31.18 16.49
N ASP A 230 7.45 -30.24 17.32
CA ASP A 230 6.68 -29.88 18.51
C ASP A 230 5.35 -29.25 18.09
N ALA A 231 5.40 -28.41 17.07
CA ALA A 231 4.22 -27.78 16.53
C ALA A 231 3.29 -28.78 15.84
N ARG A 232 3.84 -29.75 15.12
CA ARG A 232 3.01 -30.81 14.50
C ARG A 232 2.30 -31.67 15.56
N SER A 233 3.03 -32.09 16.59
CA SER A 233 2.41 -32.86 17.70
C SER A 233 1.23 -32.12 18.34
N ARG A 234 1.44 -30.82 18.52
CA ARG A 234 0.45 -29.85 18.98
C ARG A 234 -0.73 -29.69 18.00
N GLY A 235 -0.68 -30.37 16.85
CA GLY A 235 -1.78 -30.35 15.89
C GLY A 235 -1.70 -29.27 14.81
N ILE A 236 -0.66 -28.43 14.82
CA ILE A 236 -0.59 -27.37 13.83
C ILE A 236 0.13 -27.85 12.57
N ASN A 237 -0.50 -27.54 11.43
CA ASN A 237 0.03 -27.76 10.09
C ASN A 237 0.97 -26.57 9.62
N VAL A 238 2.24 -26.84 9.44
CA VAL A 238 3.15 -25.73 9.23
C VAL A 238 3.42 -25.59 7.77
N ARG A 239 3.11 -24.41 7.26
CA ARG A 239 3.08 -24.17 5.85
C ARG A 239 4.37 -23.57 5.31
N ALA A 240 5.13 -22.86 6.13
CA ALA A 240 6.27 -22.07 5.62
C ALA A 240 7.28 -21.71 6.66
N LEU A 241 8.45 -21.32 6.17
CA LEU A 241 9.58 -20.93 6.99
C LEU A 241 10.03 -19.54 6.58
N VAL A 242 10.03 -18.61 7.52
CA VAL A 242 10.61 -17.34 7.20
C VAL A 242 12.02 -17.26 7.69
N VAL A 243 12.89 -16.85 6.78
CA VAL A 243 14.27 -16.51 7.09
C VAL A 243 14.53 -15.02 6.78
N ILE A 244 15.03 -14.29 7.78
CA ILE A 244 15.42 -12.88 7.63
C ILE A 244 16.94 -12.90 7.49
N ASN A 245 17.44 -12.47 6.34
CA ASN A 245 18.88 -12.54 6.06
C ASN A 245 19.30 -11.45 5.14
N PRO A 246 20.12 -10.52 5.61
CA PRO A 246 20.64 -10.34 6.99
C PRO A 246 19.51 -10.12 8.00
N GLY A 247 19.71 -10.56 9.24
CA GLY A 247 18.64 -10.57 10.22
C GLY A 247 18.29 -9.18 10.78
N ASN A 248 17.09 -9.06 11.33
CA ASN A 248 16.67 -7.89 12.02
C ASN A 248 15.75 -8.50 13.00
N PRO A 249 15.97 -8.24 14.30
CA PRO A 249 16.87 -7.24 14.92
C PRO A 249 18.33 -7.65 15.18
N THR A 250 18.75 -8.81 14.71
CA THR A 250 20.01 -9.37 15.18
C THR A 250 21.21 -9.20 14.24
N GLY A 251 20.95 -8.82 12.98
CA GLY A 251 22.03 -8.50 12.03
C GLY A 251 23.01 -9.59 11.62
N GLN A 252 22.73 -10.84 11.95
CA GLN A 252 23.55 -11.95 11.48
C GLN A 252 23.40 -12.08 9.97
N VAL A 253 24.47 -12.55 9.31
CA VAL A 253 24.43 -12.86 7.87
C VAL A 253 24.65 -14.33 7.74
N LEU A 254 23.69 -15.01 7.16
CA LEU A 254 23.78 -16.45 7.06
C LEU A 254 24.92 -16.80 6.10
N ALA A 255 25.44 -18.03 6.18
CA ALA A 255 26.60 -18.39 5.35
C ALA A 255 26.17 -19.38 4.28
N GLU A 256 26.78 -19.28 3.10
CA GLU A 256 26.49 -20.23 2.01
C GLU A 256 26.15 -21.66 2.44
N GLU A 257 27.02 -22.28 3.25
CA GLU A 257 26.87 -23.67 3.69
C GLU A 257 25.63 -23.87 4.56
N ASN A 258 25.31 -22.88 5.38
CA ASN A 258 24.16 -23.01 6.23
C ASN A 258 22.91 -22.82 5.39
N GLN A 259 23.02 -22.00 4.34
CA GLN A 259 21.93 -21.79 3.40
C GLN A 259 21.56 -23.04 2.58
N TYR A 260 22.52 -23.85 2.13
CA TYR A 260 22.15 -25.12 1.48
C TYR A 260 21.33 -26.01 2.40
N ASP A 261 21.59 -25.93 3.70
CA ASP A 261 20.89 -26.78 4.67
C ASP A 261 19.41 -26.38 4.75
N ILE A 262 19.18 -25.08 4.80
CA ILE A 262 17.85 -24.59 4.96
C ILE A 262 17.02 -25.01 3.76
N VAL A 263 17.57 -24.74 2.56
CA VAL A 263 16.90 -25.16 1.32
C VAL A 263 16.62 -26.66 1.26
N LYS A 264 17.62 -27.52 1.52
CA LYS A 264 17.37 -28.97 1.56
C LYS A 264 16.34 -29.32 2.62
N PHE A 265 16.34 -28.59 3.73
CA PHE A 265 15.38 -28.80 4.80
C PHE A 265 13.92 -28.51 4.40
N CYS A 266 13.68 -27.40 3.68
CA CYS A 266 12.36 -27.05 3.20
C CYS A 266 11.86 -28.02 2.15
N LYS A 267 12.78 -28.45 1.27
CA LYS A 267 12.41 -29.44 0.24
C LYS A 267 11.81 -30.69 0.85
N ASN A 268 12.53 -31.37 1.75
CA ASN A 268 11.91 -32.57 2.31
C ASN A 268 10.87 -32.35 3.41
N GLU A 269 10.62 -31.09 3.76
CA GLU A 269 9.59 -30.80 4.75
C GLU A 269 8.28 -30.24 4.16
N GLY A 270 8.27 -30.01 2.84
CA GLY A 270 7.14 -29.44 2.14
C GLY A 270 6.77 -28.09 2.70
N LEU A 271 7.72 -27.16 2.69
CA LEU A 271 7.59 -25.86 3.28
C LEU A 271 7.91 -24.77 2.28
N VAL A 272 7.04 -23.79 2.17
CA VAL A 272 7.38 -22.57 1.42
C VAL A 272 8.56 -21.84 2.11
N LEU A 273 9.58 -21.46 1.34
CA LEU A 273 10.63 -20.62 1.83
C LEU A 273 10.33 -19.14 1.63
N LEU A 274 10.12 -18.44 2.74
CA LEU A 274 9.93 -16.98 2.66
C LEU A 274 11.22 -16.25 2.98
N ALA A 275 11.90 -15.77 1.95
CA ALA A 275 13.19 -15.14 2.17
C ALA A 275 13.10 -13.61 2.18
N ASP A 276 13.19 -13.07 3.40
CA ASP A 276 13.28 -11.62 3.63
C ASP A 276 14.77 -11.12 3.56
N GLU A 277 15.14 -10.56 2.41
CA GLU A 277 16.45 -10.04 2.08
C GLU A 277 16.58 -8.57 1.87
N VAL A 278 15.86 -7.81 2.63
CA VAL A 278 15.80 -6.36 2.61
C VAL A 278 17.08 -5.59 2.95
N TYR A 279 17.91 -6.19 3.77
CA TYR A 279 19.17 -5.72 4.29
C TYR A 279 20.36 -6.25 3.52
N GLN A 280 20.15 -6.75 2.32
CA GLN A 280 21.21 -7.33 1.53
C GLN A 280 22.37 -6.40 1.22
N GLU A 281 22.18 -5.14 0.98
CA GLU A 281 23.33 -4.33 0.71
C GLU A 281 23.94 -3.70 1.97
N ASN A 282 23.60 -4.25 3.14
CA ASN A 282 24.10 -3.81 4.45
C ASN A 282 24.97 -4.88 5.10
N ILE A 283 26.17 -5.07 4.57
CA ILE A 283 27.04 -6.10 5.07
C ILE A 283 28.34 -5.46 5.46
N TYR A 284 28.62 -5.52 6.76
CA TYR A 284 29.73 -4.77 7.33
C TYR A 284 30.97 -5.62 7.61
N VAL A 285 30.78 -6.89 7.94
CA VAL A 285 31.90 -7.81 8.17
C VAL A 285 32.65 -8.19 6.89
N ASP A 286 33.94 -7.93 6.90
CA ASP A 286 34.82 -8.23 5.82
C ASP A 286 34.82 -9.71 5.48
N ASN A 287 34.64 -10.55 6.45
CA ASN A 287 34.64 -11.97 6.20
C ASN A 287 33.61 -12.63 5.32
N LYS A 288 32.36 -12.26 5.45
CA LYS A 288 31.31 -12.82 4.67
C LYS A 288 30.65 -11.95 3.66
N LYS A 289 29.93 -12.57 2.74
CA LYS A 289 29.22 -11.79 1.69
C LYS A 289 27.75 -12.26 1.58
N PHE A 290 26.90 -11.45 0.95
CA PHE A 290 25.48 -11.85 0.74
C PHE A 290 25.27 -12.88 -0.36
N HIS A 291 24.45 -13.90 -0.07
CA HIS A 291 24.02 -14.83 -1.10
C HIS A 291 22.49 -14.97 -1.11
N SER A 292 21.86 -14.73 -2.27
CA SER A 292 20.41 -14.95 -2.50
C SER A 292 19.99 -16.36 -2.21
N PHE A 293 18.82 -16.49 -1.62
CA PHE A 293 18.21 -17.81 -1.64
C PHE A 293 17.95 -18.32 -3.04
N LYS A 294 17.65 -17.42 -3.98
CA LYS A 294 17.52 -17.85 -5.35
C LYS A 294 18.84 -18.39 -5.89
N LYS A 295 19.95 -17.69 -5.61
CA LYS A 295 21.28 -18.14 -6.04
C LYS A 295 21.48 -19.53 -5.49
N ILE A 296 21.22 -19.73 -4.18
CA ILE A 296 21.35 -21.07 -3.57
C ILE A 296 20.44 -22.11 -4.22
N VAL A 297 19.20 -21.74 -4.46
CA VAL A 297 18.23 -22.72 -4.92
C VAL A 297 18.52 -23.15 -6.35
N ARG A 298 18.88 -22.20 -7.18
CA ARG A 298 19.19 -22.47 -8.56
C ARG A 298 20.40 -23.35 -8.64
N SER A 299 21.41 -22.99 -7.90
CA SER A 299 22.64 -23.73 -7.87
C SER A 299 22.46 -25.16 -7.40
N LEU A 300 21.61 -25.40 -6.46
CA LEU A 300 21.44 -26.74 -6.02
C LEU A 300 20.81 -27.47 -7.16
N GLY A 301 20.31 -26.74 -8.13
CA GLY A 301 19.69 -27.39 -9.25
C GLY A 301 18.21 -27.65 -9.21
N TYR A 302 17.45 -26.75 -8.64
CA TYR A 302 16.03 -26.90 -8.54
C TYR A 302 15.40 -25.95 -9.56
N GLY A 303 14.34 -26.38 -10.25
CA GLY A 303 13.65 -25.56 -11.23
C GLY A 303 12.17 -25.34 -10.93
N GLU A 304 11.62 -26.28 -10.20
CA GLU A 304 10.25 -26.37 -9.71
C GLU A 304 10.33 -27.33 -8.55
N GLU A 305 9.31 -27.42 -7.72
CA GLU A 305 9.50 -28.29 -6.58
C GLU A 305 10.71 -27.54 -6.03
N ASP A 306 10.65 -26.30 -6.39
CA ASP A 306 11.58 -25.27 -6.10
C ASP A 306 11.37 -25.01 -4.73
N LEU A 307 10.31 -25.59 -4.25
CA LEU A 307 9.90 -25.45 -2.91
C LEU A 307 9.30 -24.16 -3.33
N PRO A 308 8.27 -23.78 -2.70
CA PRO A 308 7.86 -22.54 -3.24
C PRO A 308 8.89 -21.58 -2.71
N LEU A 309 9.27 -20.58 -3.44
CA LEU A 309 10.24 -19.68 -2.91
C LEU A 309 9.85 -18.28 -3.18
N VAL A 310 9.73 -17.47 -2.16
CA VAL A 310 9.36 -16.07 -2.34
C VAL A 310 10.48 -15.22 -1.75
N SER A 311 11.05 -14.30 -2.53
CA SER A 311 12.16 -13.45 -2.06
C SER A 311 11.77 -11.98 -2.01
N TYR A 312 12.05 -11.32 -0.90
CA TYR A 312 11.66 -9.94 -0.80
C TYR A 312 12.88 -9.07 -0.78
N GLN A 313 12.70 -7.89 -1.33
CA GLN A 313 13.75 -6.90 -1.44
C GLN A 313 13.00 -5.61 -1.45
N SER A 314 13.64 -4.58 -0.89
CA SER A 314 13.00 -3.29 -0.74
C SER A 314 13.99 -2.16 -0.96
N VAL A 315 13.43 -1.00 -1.23
CA VAL A 315 14.13 0.22 -1.49
C VAL A 315 14.42 1.07 -0.29
N SER A 316 13.83 0.73 0.82
CA SER A 316 13.95 1.40 2.10
C SER A 316 15.28 1.41 2.81
N LYS A 317 15.97 0.29 2.69
CA LYS A 317 17.27 0.05 3.29
C LYS A 317 18.56 0.28 2.52
N GLY A 318 19.65 -0.34 2.90
CA GLY A 318 20.93 -0.17 2.24
C GLY A 318 21.50 1.23 2.21
N TYR A 319 21.95 1.68 1.07
CA TYR A 319 22.47 3.01 0.96
C TYR A 319 21.42 3.98 0.47
N TYR A 320 20.46 3.50 -0.29
CA TYR A 320 19.47 4.42 -0.79
C TYR A 320 18.58 5.03 0.20
N GLY A 321 18.01 4.17 1.01
CA GLY A 321 17.22 4.53 2.15
C GLY A 321 16.12 5.51 2.44
N GLU A 322 15.00 5.83 1.83
CA GLU A 322 14.14 5.57 0.69
C GLU A 322 12.80 4.93 1.10
N CYS A 323 12.61 4.84 2.40
CA CYS A 323 11.44 4.29 3.03
C CYS A 323 10.10 4.94 2.71
N GLY A 324 10.06 6.26 2.58
CA GLY A 324 8.89 7.05 2.28
C GLY A 324 8.29 6.84 0.93
N LYS A 325 9.17 6.43 0.05
CA LYS A 325 8.97 6.13 -1.34
C LYS A 325 8.06 4.95 -1.56
N ARG A 326 8.09 4.02 -0.63
CA ARG A 326 7.29 2.79 -0.68
C ARG A 326 7.46 1.91 -1.88
N GLY A 327 8.68 1.53 -2.17
CA GLY A 327 8.98 0.66 -3.28
C GLY A 327 9.72 -0.62 -2.99
N GLY A 328 9.36 -1.68 -3.68
CA GLY A 328 10.03 -2.95 -3.48
C GLY A 328 9.31 -3.97 -4.32
N TYR A 329 9.70 -5.24 -4.15
CA TYR A 329 9.18 -6.29 -5.00
C TYR A 329 9.31 -7.63 -4.29
N PHE A 330 8.73 -8.70 -4.82
CA PHE A 330 9.12 -10.05 -4.44
C PHE A 330 9.15 -10.98 -5.64
N GLU A 331 10.00 -11.99 -5.61
CA GLU A 331 10.04 -12.90 -6.73
C GLU A 331 9.48 -14.26 -6.29
N ILE A 332 8.57 -14.82 -7.05
CA ILE A 332 8.07 -16.15 -6.78
C ILE A 332 8.72 -17.16 -7.73
N THR A 333 8.91 -18.39 -7.28
CA THR A 333 9.27 -19.53 -8.14
C THR A 333 8.75 -20.79 -7.49
N GLY A 334 8.57 -21.84 -8.28
CA GLY A 334 8.09 -23.09 -7.74
C GLY A 334 6.62 -23.10 -7.28
N PHE A 335 5.79 -22.22 -7.86
CA PHE A 335 4.32 -22.31 -7.75
C PHE A 335 3.67 -22.57 -9.11
N SER A 336 2.67 -23.45 -9.11
CA SER A 336 1.88 -23.73 -10.31
C SER A 336 1.10 -22.50 -10.70
N ALA A 337 0.87 -22.29 -12.00
CA ALA A 337 -0.38 -21.65 -12.38
C ALA A 337 -1.31 -22.87 -12.24
N PRO A 338 -2.42 -22.74 -11.54
CA PRO A 338 -3.26 -21.66 -11.08
C PRO A 338 -3.10 -21.13 -9.67
N VAL A 339 -2.06 -21.52 -8.97
CA VAL A 339 -1.70 -20.83 -7.74
C VAL A 339 -1.18 -19.42 -8.07
N ARG A 340 -0.42 -19.28 -9.14
CA ARG A 340 0.00 -17.96 -9.57
C ARG A 340 -1.19 -16.99 -9.91
N GLU A 341 -2.32 -17.54 -10.36
CA GLU A 341 -3.43 -16.70 -10.75
C GLU A 341 -4.05 -16.09 -9.53
N GLN A 342 -4.15 -16.93 -8.51
CA GLN A 342 -4.65 -16.61 -7.22
C GLN A 342 -3.79 -15.47 -6.57
N ILE A 343 -2.45 -15.55 -6.66
CA ILE A 343 -1.56 -14.43 -6.26
C ILE A 343 -1.88 -13.17 -7.06
N TYR A 344 -2.02 -13.32 -8.37
CA TYR A 344 -2.34 -12.19 -9.22
C TYR A 344 -3.66 -11.63 -8.73
N LYS A 345 -4.56 -12.50 -8.31
CA LYS A 345 -5.86 -12.01 -7.94
C LYS A 345 -5.74 -11.10 -6.68
N ILE A 346 -5.05 -11.54 -5.61
CA ILE A 346 -4.91 -10.73 -4.38
C ILE A 346 -4.29 -9.35 -4.63
N ALA A 347 -3.28 -9.31 -5.51
CA ALA A 347 -2.54 -8.10 -5.84
C ALA A 347 -3.33 -7.15 -6.72
N SER A 348 -4.15 -7.69 -7.62
CA SER A 348 -4.91 -6.86 -8.54
C SER A 348 -5.97 -6.00 -7.81
N VAL A 349 -6.36 -6.37 -6.58
CA VAL A 349 -7.35 -5.60 -5.83
C VAL A 349 -6.90 -4.15 -5.58
N ASN A 350 -5.69 -3.92 -5.14
CA ASN A 350 -5.26 -2.57 -4.93
C ASN A 350 -4.76 -1.97 -6.18
N LEU A 351 -4.91 -2.70 -7.26
CA LEU A 351 -4.50 -2.25 -8.55
C LEU A 351 -3.06 -2.26 -8.82
N CYS A 352 -2.28 -1.61 -8.00
CA CYS A 352 -0.89 -1.63 -8.29
C CYS A 352 -0.12 -0.86 -7.31
N SER A 353 1.18 -1.01 -7.28
CA SER A 353 1.91 -0.18 -6.32
C SER A 353 2.24 1.18 -6.92
N ASN A 354 2.68 2.14 -6.11
CA ASN A 354 2.98 3.50 -6.61
C ASN A 354 4.18 3.55 -7.57
N ILE A 355 4.02 4.31 -8.66
CA ILE A 355 4.95 4.20 -9.81
C ILE A 355 6.35 4.67 -9.45
N THR A 356 6.41 5.64 -8.54
CA THR A 356 7.68 6.23 -8.22
C THR A 356 8.47 5.24 -7.40
N GLY A 357 7.81 4.47 -6.55
CA GLY A 357 8.46 3.35 -5.90
C GLY A 357 8.89 2.28 -6.88
N GLN A 358 8.18 2.14 -8.00
CA GLN A 358 8.50 1.09 -8.99
C GLN A 358 9.76 1.47 -9.77
N ILE A 359 9.80 2.73 -10.23
CA ILE A 359 10.94 3.29 -10.95
C ILE A 359 12.15 3.16 -10.05
N LEU A 360 11.99 3.62 -8.80
CA LEU A 360 13.02 3.47 -7.78
C LEU A 360 13.53 2.05 -7.57
N ALA A 361 12.63 1.05 -7.60
CA ALA A 361 13.09 -0.31 -7.47
C ALA A 361 13.99 -0.65 -8.64
N SER A 362 13.62 -0.26 -9.85
CA SER A 362 14.41 -0.52 -11.03
C SER A 362 15.79 0.10 -10.96
N LEU A 363 15.89 1.30 -10.43
CA LEU A 363 17.13 2.00 -10.28
C LEU A 363 18.07 1.33 -9.31
N VAL A 364 17.55 0.90 -8.17
CA VAL A 364 18.34 0.24 -7.14
C VAL A 364 18.88 -0.99 -7.76
N MET A 365 18.08 -1.65 -8.56
CA MET A 365 18.58 -2.88 -9.22
C MET A 365 19.47 -2.72 -10.48
N ASN A 366 19.43 -1.56 -11.14
CA ASN A 366 20.45 -1.15 -12.13
C ASN A 366 21.02 0.21 -11.80
N PRO A 367 22.02 0.27 -10.96
CA PRO A 367 22.56 1.56 -10.64
C PRO A 367 23.49 1.95 -11.76
N PRO A 368 24.18 3.07 -11.66
CA PRO A 368 25.07 3.48 -12.71
C PRO A 368 26.18 2.46 -12.82
N LYS A 369 26.62 2.18 -14.05
CA LYS A 369 27.68 1.22 -14.35
C LYS A 369 29.14 1.60 -14.49
N ALA A 370 29.47 2.87 -14.37
CA ALA A 370 30.85 3.32 -14.51
C ALA A 370 30.96 3.84 -15.89
N SER A 371 29.92 3.60 -16.64
CA SER A 371 29.89 4.05 -17.99
C SER A 371 29.91 5.54 -17.86
N ASP A 372 29.19 6.07 -16.88
CA ASP A 372 29.16 7.52 -16.68
C ASP A 372 29.55 8.07 -15.34
N GLU A 373 30.06 9.28 -15.40
CA GLU A 373 30.54 10.05 -14.26
C GLU A 373 29.47 10.22 -13.23
N SER A 374 28.22 10.31 -13.64
CA SER A 374 27.31 10.45 -12.55
C SER A 374 27.74 9.23 -11.73
N TYR A 375 28.17 8.15 -12.36
CA TYR A 375 28.60 6.95 -11.63
C TYR A 375 29.65 7.29 -10.66
N ALA A 376 30.56 8.12 -11.05
CA ALA A 376 31.57 8.46 -10.05
C ALA A 376 30.97 9.19 -8.82
N SER A 377 30.02 10.11 -8.99
CA SER A 377 29.42 10.82 -7.83
C SER A 377 28.66 9.86 -6.88
N TYR A 378 28.02 8.88 -7.49
CA TYR A 378 27.24 7.77 -6.97
C TYR A 378 28.12 6.87 -6.11
N LYS A 379 29.23 6.38 -6.65
CA LYS A 379 30.13 5.47 -5.92
C LYS A 379 30.65 6.06 -4.66
N ALA A 380 30.78 7.39 -4.68
CA ALA A 380 31.26 8.12 -3.53
C ALA A 380 30.18 8.18 -2.47
N GLU A 381 28.93 8.41 -2.85
CA GLU A 381 27.87 8.49 -1.86
C GLU A 381 27.54 7.11 -1.27
N LYS A 382 27.49 6.09 -2.11
CA LYS A 382 27.24 4.73 -1.70
C LYS A 382 28.30 4.24 -0.74
N ASP A 383 29.56 4.33 -1.15
CA ASP A 383 30.66 4.15 -0.22
C ASP A 383 30.65 5.37 0.71
N GLY A 384 31.14 5.26 1.93
CA GLY A 384 31.07 6.44 2.77
C GLY A 384 29.79 6.42 3.56
N ILE A 385 28.66 6.35 2.86
CA ILE A 385 27.40 5.96 3.48
C ILE A 385 27.51 4.54 4.05
N LEU A 386 28.10 3.59 3.34
CA LEU A 386 28.23 2.28 3.96
C LEU A 386 29.40 2.18 4.92
N ALA A 387 30.36 3.07 4.83
CA ALA A 387 31.46 2.98 5.74
C ALA A 387 31.02 3.60 7.05
N SER A 388 30.17 4.58 6.88
CA SER A 388 29.62 5.34 7.94
C SER A 388 28.85 4.44 8.81
N LEU A 389 28.05 3.59 8.21
CA LEU A 389 27.25 2.65 8.93
C LEU A 389 27.99 1.63 9.69
N ALA A 390 29.04 1.10 9.16
CA ALA A 390 29.69 0.08 9.93
C ALA A 390 30.68 0.65 10.88
N ARG A 391 30.93 1.94 10.80
CA ARG A 391 31.95 2.50 11.58
C ARG A 391 31.02 2.63 12.77
N ARG A 392 29.82 3.10 12.42
CA ARG A 392 28.71 3.34 13.33
C ARG A 392 28.30 2.06 13.85
N ALA A 393 28.31 1.07 12.96
CA ALA A 393 27.87 -0.14 13.69
C ALA A 393 28.78 -0.58 14.87
N LYS A 394 30.10 -0.53 14.73
CA LYS A 394 31.05 -0.92 15.78
C LYS A 394 31.11 -0.09 17.04
N ALA A 395 30.95 1.20 16.92
CA ALA A 395 30.99 2.14 18.01
C ALA A 395 29.90 1.86 19.06
N LEU A 396 28.63 1.82 18.64
CA LEU A 396 27.55 1.35 19.50
C LEU A 396 27.85 -0.03 20.12
N GLU A 397 28.34 -1.00 19.36
CA GLU A 397 28.68 -2.24 20.01
C GLU A 397 29.62 -2.02 21.21
N HIS A 398 30.74 -1.30 20.99
CA HIS A 398 31.77 -1.16 22.02
C HIS A 398 31.23 -0.36 23.20
N ALA A 399 30.52 0.73 22.88
CA ALA A 399 29.87 1.51 23.90
C ALA A 399 29.03 0.63 24.84
N PHE A 400 28.12 -0.17 24.28
CA PHE A 400 27.16 -0.91 25.09
C PHE A 400 27.86 -1.98 25.89
N ASN A 401 28.89 -2.55 25.30
CA ASN A 401 29.55 -3.63 25.95
C ASN A 401 30.24 -3.22 27.25
N LYS A 402 30.58 -1.94 27.37
CA LYS A 402 31.29 -1.47 28.57
C LYS A 402 30.35 -1.26 29.74
N LEU A 403 29.05 -1.52 29.54
CA LEU A 403 28.05 -1.17 30.56
C LEU A 403 27.68 -2.31 31.50
N GLU A 404 27.38 -1.98 32.76
CA GLU A 404 27.07 -2.98 33.78
C GLU A 404 25.93 -3.84 33.30
N GLY A 405 26.17 -5.15 33.27
CA GLY A 405 25.16 -6.14 32.91
C GLY A 405 24.66 -6.16 31.48
N ILE A 406 25.36 -5.49 30.55
CA ILE A 406 24.93 -5.38 29.16
C ILE A 406 26.00 -5.98 28.24
N THR A 407 25.56 -6.74 27.27
CA THR A 407 26.44 -7.51 26.42
C THR A 407 25.87 -7.34 25.06
N CYS A 408 26.70 -6.94 24.12
CA CYS A 408 26.23 -6.61 22.80
C CYS A 408 26.94 -7.41 21.72
N ASN A 409 26.17 -8.18 20.95
CA ASN A 409 26.79 -9.04 19.93
C ASN A 409 27.36 -8.26 18.77
N GLU A 410 28.28 -8.86 18.03
CA GLU A 410 28.68 -8.31 16.72
C GLU A 410 27.42 -8.00 15.88
N ALA A 411 27.48 -6.98 15.04
CA ALA A 411 26.42 -6.77 14.06
C ALA A 411 27.01 -6.91 12.67
N GLU A 412 26.87 -8.10 12.08
CA GLU A 412 27.40 -8.40 10.76
C GLU A 412 26.76 -7.51 9.70
N GLY A 413 25.48 -7.27 9.79
CA GLY A 413 24.80 -6.47 8.80
C GLY A 413 23.58 -5.77 9.30
N ALA A 414 22.84 -5.16 8.38
CA ALA A 414 21.63 -4.42 8.70
C ALA A 414 21.93 -3.11 9.34
N MET A 415 21.05 -2.62 10.18
CA MET A 415 21.24 -1.35 10.87
C MET A 415 20.83 -1.41 12.31
N TYR A 416 21.13 -2.46 13.04
CA TYR A 416 20.63 -2.55 14.41
C TYR A 416 21.62 -3.22 15.33
N VAL A 417 21.60 -2.80 16.56
CA VAL A 417 22.36 -3.49 17.56
C VAL A 417 21.23 -3.99 18.49
N PHE A 418 21.44 -5.09 19.25
CA PHE A 418 20.36 -5.72 20.07
C PHE A 418 20.99 -6.24 21.36
N PRO A 419 21.31 -5.35 22.28
CA PRO A 419 22.04 -5.81 23.46
C PRO A 419 21.23 -6.60 24.47
N GLN A 420 21.87 -7.55 25.13
CA GLN A 420 21.25 -8.21 26.26
C GLN A 420 21.51 -7.35 27.50
N ILE A 421 20.49 -7.14 28.33
CA ILE A 421 20.62 -6.62 29.69
C ILE A 421 20.35 -7.69 30.70
N CYS A 422 21.18 -7.76 31.73
CA CYS A 422 20.94 -8.67 32.84
C CYS A 422 20.15 -7.98 33.97
N LEU A 423 18.87 -7.72 33.70
CA LEU A 423 18.04 -7.00 34.65
C LEU A 423 18.04 -7.68 36.02
N PRO A 424 18.31 -6.89 37.07
CA PRO A 424 18.24 -7.39 38.43
C PRO A 424 16.79 -7.74 38.79
N GLN A 425 16.60 -8.62 39.80
CA GLN A 425 15.24 -8.88 40.38
C GLN A 425 14.51 -7.63 40.86
N LYS A 426 15.15 -6.78 41.66
CA LYS A 426 14.42 -5.59 42.11
C LYS A 426 13.80 -4.91 40.87
N ALA A 427 14.48 -4.96 39.72
CA ALA A 427 13.91 -4.40 38.51
C ALA A 427 12.80 -5.26 37.91
N ILE A 428 12.95 -6.59 37.89
CA ILE A 428 11.84 -7.44 37.38
C ILE A 428 10.56 -7.22 38.22
N GLU A 429 10.69 -7.07 39.54
CA GLU A 429 9.52 -6.87 40.41
C GLU A 429 8.83 -5.51 40.18
N ALA A 430 9.59 -4.41 40.27
CA ALA A 430 9.10 -3.07 39.93
C ALA A 430 8.35 -3.03 38.58
N ALA A 431 8.69 -3.94 37.66
CA ALA A 431 8.01 -4.07 36.37
C ALA A 431 6.70 -4.85 36.53
N LYS A 432 6.73 -5.90 37.36
CA LYS A 432 5.55 -6.73 37.66
C LYS A 432 4.54 -5.83 38.30
N ALA A 433 4.99 -4.99 39.24
CA ALA A 433 4.14 -3.99 39.90
C ALA A 433 3.54 -3.03 38.88
N ALA A 434 4.37 -2.45 38.02
CA ALA A 434 3.90 -1.47 37.01
C ALA A 434 3.05 -2.10 35.91
N ASN A 435 2.93 -3.43 35.93
CA ASN A 435 2.14 -4.16 34.95
C ASN A 435 2.75 -4.09 33.54
N LYS A 436 4.07 -4.20 33.50
CA LYS A 436 4.88 -4.07 32.32
C LYS A 436 5.81 -5.24 32.29
N ALA A 437 6.21 -5.61 31.07
CA ALA A 437 7.28 -6.55 30.86
C ALA A 437 8.57 -5.86 31.25
N PRO A 438 9.48 -6.57 31.93
CA PRO A 438 10.77 -5.98 32.42
C PRO A 438 11.52 -5.14 31.37
N ASP A 439 11.56 -5.61 30.12
CA ASP A 439 12.04 -4.90 28.91
C ASP A 439 11.53 -3.49 28.74
N ALA A 440 10.21 -3.43 28.78
CA ALA A 440 9.47 -2.28 28.40
C ALA A 440 9.62 -1.30 29.52
N PHE A 441 9.70 -1.84 30.74
CA PHE A 441 9.85 -1.02 31.92
C PHE A 441 11.16 -0.24 31.81
N TYR A 442 12.22 -0.95 31.45
CA TYR A 442 13.50 -0.36 31.20
C TYR A 442 13.44 0.64 30.05
N ALA A 443 12.79 0.28 28.95
CA ALA A 443 12.78 1.13 27.78
C ALA A 443 12.02 2.40 28.14
N LEU A 444 10.99 2.29 28.98
CA LEU A 444 10.22 3.44 29.32
C LEU A 444 10.97 4.42 30.23
N ARG A 445 11.70 3.88 31.18
CA ARG A 445 12.45 4.70 32.14
C ARG A 445 13.59 5.41 31.45
N LEU A 446 14.32 4.67 30.61
CA LEU A 446 15.32 5.29 29.71
C LEU A 446 14.78 6.54 29.01
N LEU A 447 13.62 6.38 28.36
CA LEU A 447 13.00 7.45 27.62
C LEU A 447 12.68 8.72 28.49
N GLU A 448 12.13 8.50 29.69
CA GLU A 448 11.84 9.56 30.68
C GLU A 448 13.04 10.36 31.18
N SER A 449 14.19 9.67 31.27
CA SER A 449 15.46 10.26 31.69
C SER A 449 16.29 10.93 30.56
N THR A 450 16.10 10.50 29.31
CA THR A 450 17.08 10.80 28.25
C THR A 450 16.55 11.13 26.86
N GLY A 451 15.23 11.02 26.64
CA GLY A 451 14.65 11.22 25.30
C GLY A 451 15.01 10.20 24.21
N ILE A 452 15.73 9.16 24.60
CA ILE A 452 16.19 8.14 23.67
C ILE A 452 15.10 7.11 23.54
N VAL A 453 14.49 7.00 22.36
CA VAL A 453 13.47 5.95 22.13
C VAL A 453 14.12 4.65 21.62
N VAL A 454 14.02 3.56 22.35
CA VAL A 454 14.45 2.23 21.84
C VAL A 454 13.27 1.26 21.90
N VAL A 455 13.38 0.12 21.23
CA VAL A 455 12.30 -0.89 21.26
C VAL A 455 12.70 -2.02 22.18
N PRO A 456 11.83 -2.39 23.11
CA PRO A 456 12.18 -3.46 24.05
C PRO A 456 12.14 -4.86 23.41
N GLY A 457 13.05 -5.72 23.88
CA GLY A 457 13.08 -7.15 23.55
C GLY A 457 11.74 -7.84 23.28
N SER A 458 10.75 -7.57 24.12
CA SER A 458 9.45 -8.23 24.06
C SER A 458 8.70 -7.97 22.72
N GLY A 459 8.02 -8.97 22.19
CA GLY A 459 7.48 -8.74 20.81
C GLY A 459 8.53 -8.21 19.78
N PHE A 460 9.80 -8.52 20.03
CA PHE A 460 10.58 -9.10 19.00
C PHE A 460 10.54 -10.61 19.31
N GLY A 461 10.14 -10.95 20.54
CA GLY A 461 10.31 -12.29 21.05
C GLY A 461 11.74 -12.55 21.48
N GLN A 462 11.91 -13.27 22.58
CA GLN A 462 13.24 -13.70 22.93
C GLN A 462 13.14 -14.96 23.79
N VAL A 463 14.28 -15.65 23.98
CA VAL A 463 14.33 -16.79 24.88
C VAL A 463 13.80 -16.36 26.26
N PRO A 464 12.76 -17.04 26.77
CA PRO A 464 12.25 -16.59 28.07
C PRO A 464 13.39 -16.51 29.05
N GLY A 465 13.44 -15.48 29.87
CA GLY A 465 14.52 -15.35 30.82
C GLY A 465 15.56 -14.31 30.41
N THR A 466 15.71 -14.07 29.12
CA THR A 466 16.70 -13.10 28.66
C THR A 466 15.97 -11.79 28.34
N TRP A 467 16.69 -10.68 28.33
CA TRP A 467 16.08 -9.35 28.07
C TRP A 467 16.93 -8.46 27.19
N HIS A 468 16.31 -7.75 26.24
CA HIS A 468 17.09 -7.00 25.23
C HIS A 468 16.49 -5.66 24.92
N PHE A 469 17.10 -4.94 23.98
CA PHE A 469 16.44 -3.83 23.27
C PHE A 469 17.13 -3.58 21.96
N ARG A 470 16.43 -2.94 21.04
CA ARG A 470 16.98 -2.68 19.74
C ARG A 470 17.20 -1.19 19.54
N CYS A 471 18.48 -0.77 19.41
CA CYS A 471 18.82 0.55 18.89
C CYS A 471 19.25 0.46 17.44
N THR A 472 18.78 1.48 16.76
CA THR A 472 19.17 1.89 15.45
C THR A 472 20.65 2.24 15.46
N ILE A 473 21.27 2.08 14.30
CA ILE A 473 22.67 2.43 14.07
C ILE A 473 22.79 3.80 13.40
N LEU A 474 21.65 4.46 13.22
CA LEU A 474 21.51 5.61 12.33
C LEU A 474 21.64 7.03 12.92
N PRO A 475 21.84 7.17 14.25
CA PRO A 475 22.14 8.56 14.65
C PRO A 475 23.44 9.01 13.97
N GLN A 476 23.54 10.33 13.78
CA GLN A 476 24.62 11.00 13.06
C GLN A 476 25.91 10.64 13.78
N GLU A 477 26.94 10.26 13.00
CA GLU A 477 28.20 9.79 13.55
C GLU A 477 28.76 10.72 14.65
N ASP A 478 28.45 12.00 14.52
CA ASP A 478 28.96 13.00 15.42
C ASP A 478 28.09 13.13 16.65
N LYS A 479 26.84 12.70 16.53
CA LYS A 479 25.93 12.77 17.66
C LYS A 479 26.05 11.58 18.62
N ILE A 480 26.88 10.60 18.27
CA ILE A 480 26.89 9.36 19.01
C ILE A 480 27.54 9.44 20.39
N PRO A 481 28.78 9.96 20.48
CA PRO A 481 29.27 9.91 21.84
C PRO A 481 28.35 10.67 22.82
N ALA A 482 27.76 11.79 22.39
CA ALA A 482 26.85 12.53 23.27
C ALA A 482 25.63 11.68 23.68
N VAL A 483 25.31 10.70 22.85
CA VAL A 483 24.13 9.94 23.09
C VAL A 483 24.42 8.81 24.05
N ILE A 484 25.55 8.18 23.88
CA ILE A 484 25.91 7.14 24.82
C ILE A 484 26.29 7.70 26.21
N SER A 485 26.59 8.99 26.31
CA SER A 485 26.80 9.58 27.62
C SER A 485 25.47 9.80 28.37
N ARG A 486 24.47 10.39 27.71
CA ARG A 486 23.18 10.57 28.35
C ARG A 486 22.74 9.21 28.88
N PHE A 487 22.88 8.20 28.01
CA PHE A 487 22.48 6.83 28.25
C PHE A 487 23.12 6.25 29.49
N THR A 488 24.45 6.27 29.52
CA THR A 488 25.20 5.61 30.59
C THR A 488 24.83 6.25 31.91
N VAL A 489 24.67 7.58 31.93
CA VAL A 489 24.21 8.26 33.13
C VAL A 489 22.91 7.63 33.66
N PHE A 490 21.96 7.38 32.76
CA PHE A 490 20.69 6.79 33.17
C PHE A 490 20.92 5.36 33.63
N HIS A 491 21.66 4.59 32.82
CA HIS A 491 21.78 3.16 33.07
C HIS A 491 22.46 2.91 34.38
N GLU A 492 23.47 3.70 34.67
CA GLU A 492 24.15 3.42 35.87
C GLU A 492 23.34 3.92 37.08
N ALA A 493 22.39 4.82 36.88
CA ALA A 493 21.58 5.22 38.04
C ALA A 493 20.48 4.19 38.23
N PHE A 494 19.99 3.67 37.12
CA PHE A 494 19.00 2.63 37.17
C PHE A 494 19.57 1.40 37.86
N MET A 495 20.81 1.05 37.53
CA MET A 495 21.46 -0.08 38.19
C MET A 495 21.64 0.15 39.69
N SER A 496 21.84 1.39 40.10
CA SER A 496 22.13 1.63 41.50
C SER A 496 20.87 1.60 42.38
N GLU A 497 19.70 1.88 41.79
CA GLU A 497 18.41 1.62 42.48
C GLU A 497 18.12 0.15 42.56
N TYR A 498 18.40 -0.57 41.50
CA TYR A 498 17.85 -1.93 41.37
C TYR A 498 18.76 -3.17 41.56
N ARG A 499 20.06 -3.04 41.65
CA ARG A 499 20.85 -4.24 41.97
C ARG A 499 20.63 -4.73 43.44
N ALA B 21 0.46 -31.40 1.33
CA ALA B 21 1.74 -30.69 1.67
C ALA B 21 2.46 -30.17 0.42
N THR B 22 1.87 -30.37 -0.75
CA THR B 22 2.26 -29.57 -1.92
C THR B 22 1.40 -28.34 -1.72
N VAL B 23 1.66 -27.25 -2.44
CA VAL B 23 0.81 -26.05 -2.36
C VAL B 23 -0.03 -25.98 -3.59
N ALA B 24 -1.33 -25.84 -3.40
CA ALA B 24 -2.27 -26.00 -4.49
C ALA B 24 -3.57 -25.27 -4.17
N VAL B 25 -4.34 -24.93 -5.21
CA VAL B 25 -5.67 -24.31 -5.04
C VAL B 25 -6.59 -25.08 -4.09
N ASP B 26 -6.44 -26.41 -4.01
CA ASP B 26 -7.20 -27.20 -3.03
C ASP B 26 -6.92 -26.78 -1.59
N ASN B 27 -5.70 -26.35 -1.31
CA ASN B 27 -5.33 -26.04 0.05
C ASN B 27 -4.96 -24.57 0.35
N LEU B 28 -5.52 -23.63 -0.40
CA LEU B 28 -5.27 -22.24 -0.09
C LEU B 28 -6.42 -21.72 0.76
N ASN B 29 -6.28 -20.48 1.22
CA ASN B 29 -7.26 -19.89 2.11
C ASN B 29 -8.58 -19.74 1.39
N PRO B 30 -9.64 -20.32 1.96
CA PRO B 30 -10.92 -20.25 1.23
C PRO B 30 -11.40 -18.80 1.07
N LYS B 31 -10.95 -17.90 1.94
CA LYS B 31 -11.22 -16.46 1.78
C LYS B 31 -10.66 -15.91 0.47
N VAL B 32 -9.47 -16.34 0.09
CA VAL B 32 -8.91 -15.91 -1.18
C VAL B 32 -9.67 -16.47 -2.39
N LEU B 33 -10.14 -17.73 -2.31
CA LEU B 33 -10.79 -18.38 -3.48
C LEU B 33 -12.16 -17.83 -3.79
N LYS B 34 -12.88 -17.38 -2.76
CA LYS B 34 -14.25 -16.91 -2.90
C LYS B 34 -14.24 -15.51 -3.47
N CYS B 35 -13.19 -14.82 -3.15
CA CYS B 35 -13.03 -13.46 -3.57
C CYS B 35 -12.87 -13.35 -5.10
N GLU B 36 -13.39 -12.27 -5.67
CA GLU B 36 -13.47 -12.12 -7.12
C GLU B 36 -13.37 -10.62 -7.40
N TYR B 37 -12.53 -10.23 -8.35
CA TYR B 37 -12.34 -8.81 -8.64
C TYR B 37 -12.36 -8.62 -10.14
N ALA B 38 -13.54 -8.42 -10.73
CA ALA B 38 -13.64 -8.46 -12.20
C ALA B 38 -12.98 -7.30 -12.96
N VAL B 39 -12.90 -6.13 -12.34
CA VAL B 39 -12.27 -4.98 -13.01
C VAL B 39 -10.91 -5.37 -13.62
N ARG B 40 -10.29 -6.39 -13.03
CA ARG B 40 -9.12 -7.00 -13.61
C ARG B 40 -9.20 -8.52 -13.59
N GLY B 41 -10.36 -9.00 -13.93
CA GLY B 41 -10.73 -10.37 -13.98
C GLY B 41 -10.35 -11.14 -15.20
N GLU B 42 -11.13 -12.14 -15.49
CA GLU B 42 -10.92 -13.02 -16.57
C GLU B 42 -10.86 -12.32 -17.87
N ILE B 43 -11.69 -11.35 -18.11
CA ILE B 43 -11.64 -10.64 -19.36
C ILE B 43 -10.35 -9.86 -19.56
N VAL B 44 -9.84 -9.24 -18.51
CA VAL B 44 -8.62 -8.47 -18.59
C VAL B 44 -7.51 -9.42 -18.93
N ILE B 45 -7.53 -10.56 -18.29
CA ILE B 45 -6.59 -11.64 -18.56
C ILE B 45 -6.60 -12.11 -20.06
N HIS B 46 -7.74 -12.46 -20.62
CA HIS B 46 -7.79 -12.77 -22.05
C HIS B 46 -7.22 -11.64 -22.92
N ALA B 47 -7.55 -10.40 -22.58
CA ALA B 47 -7.06 -9.22 -23.33
C ALA B 47 -5.56 -9.09 -23.30
N GLN B 48 -4.96 -9.18 -22.12
CA GLN B 48 -3.51 -9.14 -22.00
C GLN B 48 -2.85 -10.17 -22.93
N ARG B 49 -3.46 -11.36 -22.98
CA ARG B 49 -2.92 -12.51 -23.69
C ARG B 49 -2.85 -12.13 -25.14
N LEU B 50 -3.93 -11.51 -25.58
CA LEU B 50 -4.17 -11.09 -26.97
C LEU B 50 -3.33 -9.91 -27.38
N GLN B 51 -2.93 -9.09 -26.41
CA GLN B 51 -2.06 -7.93 -26.66
C GLN B 51 -0.69 -8.42 -27.16
N GLU B 52 -0.14 -9.41 -26.46
CA GLU B 52 1.07 -10.07 -26.87
C GLU B 52 0.99 -10.67 -28.28
N GLN B 53 -0.15 -11.26 -28.62
CA GLN B 53 -0.38 -11.77 -29.97
C GLN B 53 -0.18 -10.72 -31.08
N LEU B 54 -0.74 -9.53 -30.89
CA LEU B 54 -0.54 -8.44 -31.86
C LEU B 54 0.95 -8.07 -32.08
N LYS B 55 1.78 -8.29 -31.06
CA LYS B 55 3.25 -8.14 -31.17
C LYS B 55 3.90 -9.37 -31.81
N THR B 56 3.43 -10.58 -31.45
CA THR B 56 4.01 -11.83 -31.92
C THR B 56 3.73 -12.06 -33.40
N GLN B 57 2.48 -11.89 -33.80
CA GLN B 57 2.06 -12.12 -35.17
C GLN B 57 1.20 -10.96 -35.63
N PRO B 58 1.76 -9.93 -36.21
CA PRO B 58 0.93 -8.79 -36.60
C PRO B 58 -0.36 -8.90 -37.37
N GLY B 59 -0.59 -9.79 -38.27
CA GLY B 59 -1.90 -9.73 -38.90
C GLY B 59 -2.99 -10.70 -38.46
N SER B 60 -2.73 -11.51 -37.46
CA SER B 60 -3.72 -12.47 -37.02
C SER B 60 -5.06 -12.01 -36.48
N LEU B 61 -5.08 -10.95 -35.71
CA LEU B 61 -6.31 -10.47 -35.15
C LEU B 61 -7.25 -9.73 -36.10
N PRO B 62 -8.53 -9.70 -35.79
CA PRO B 62 -9.55 -9.04 -36.59
C PRO B 62 -9.64 -7.58 -36.31
N PHE B 63 -8.70 -7.10 -35.56
CA PHE B 63 -8.53 -5.70 -35.08
C PHE B 63 -7.04 -5.40 -34.92
N ASP B 64 -6.65 -4.15 -34.75
CA ASP B 64 -5.20 -3.91 -34.57
C ASP B 64 -4.67 -3.13 -33.33
N GLU B 65 -5.60 -2.69 -32.45
CA GLU B 65 -5.26 -2.08 -31.16
C GLU B 65 -6.12 -2.80 -30.09
N ILE B 66 -5.68 -2.74 -28.84
CA ILE B 66 -6.51 -3.26 -27.75
C ILE B 66 -6.93 -2.10 -26.87
N LEU B 67 -8.22 -1.83 -26.79
CA LEU B 67 -8.72 -0.70 -26.04
C LEU B 67 -9.29 -1.11 -24.69
N TYR B 68 -8.51 -0.85 -23.64
CA TYR B 68 -9.02 -1.03 -22.28
C TYR B 68 -10.06 0.02 -21.88
N CYS B 69 -11.34 -0.29 -22.10
CA CYS B 69 -12.45 0.55 -21.63
C CYS B 69 -12.97 -0.01 -20.27
N ASN B 70 -12.10 -0.72 -19.55
CA ASN B 70 -12.48 -1.48 -18.33
C ASN B 70 -12.04 -0.92 -16.95
N ILE B 71 -11.35 0.21 -16.93
CA ILE B 71 -10.76 0.66 -15.68
C ILE B 71 -10.67 2.16 -15.70
N GLY B 72 -11.09 2.81 -14.63
CA GLY B 72 -11.05 4.28 -14.59
C GLY B 72 -9.62 4.77 -14.49
N ASN B 73 -8.97 4.92 -15.64
CA ASN B 73 -7.54 5.20 -15.66
C ASN B 73 -7.23 6.34 -16.63
N PRO B 74 -7.63 7.57 -16.25
CA PRO B 74 -7.70 8.74 -17.17
C PRO B 74 -6.43 8.93 -17.99
N GLN B 75 -5.29 9.03 -17.36
CA GLN B 75 -4.04 9.21 -18.05
C GLN B 75 -3.59 8.08 -18.97
N SER B 76 -4.18 6.91 -18.83
CA SER B 76 -3.88 5.76 -19.64
C SER B 76 -4.26 6.05 -21.06
N LEU B 77 -5.36 6.73 -21.17
CA LEU B 77 -5.98 7.21 -22.36
C LEU B 77 -5.35 8.57 -22.53
N GLY B 78 -5.91 9.46 -23.27
CA GLY B 78 -5.25 10.73 -23.47
C GLY B 78 -4.87 11.78 -22.44
N GLN B 79 -5.63 11.90 -21.37
CA GLN B 79 -5.44 12.90 -20.37
C GLN B 79 -4.13 13.23 -19.72
N GLN B 80 -3.88 14.52 -19.86
CA GLN B 80 -2.71 15.27 -19.41
C GLN B 80 -2.76 15.51 -17.92
N PRO B 81 -1.62 15.35 -17.26
CA PRO B 81 -1.53 15.66 -15.84
C PRO B 81 -1.56 17.18 -15.62
N VAL B 82 -1.96 17.58 -14.41
CA VAL B 82 -2.05 19.00 -14.00
C VAL B 82 -0.70 19.59 -13.65
N THR B 83 -0.37 20.71 -14.29
CA THR B 83 1.00 21.18 -14.36
C THR B 83 1.56 21.66 -13.02
N PHE B 84 0.78 22.45 -12.31
CA PHE B 84 1.16 22.89 -10.98
C PHE B 84 1.56 21.69 -10.08
N PHE B 85 0.67 20.70 -9.98
CA PHE B 85 0.88 19.52 -9.12
C PHE B 85 2.19 18.86 -9.45
N ARG B 86 2.52 18.83 -10.72
CA ARG B 86 3.73 18.15 -11.14
C ARG B 86 4.95 18.96 -10.87
N GLU B 87 4.79 20.29 -10.87
CA GLU B 87 5.90 21.18 -10.62
C GLU B 87 6.28 21.01 -9.14
N VAL B 88 5.29 21.22 -8.26
CA VAL B 88 5.48 21.07 -6.82
C VAL B 88 6.04 19.71 -6.52
N LEU B 89 5.57 18.62 -7.08
CA LEU B 89 6.22 17.34 -6.76
C LEU B 89 7.70 17.20 -7.22
N ALA B 90 8.04 17.65 -8.39
CA ALA B 90 9.43 17.47 -8.74
C ALA B 90 10.31 18.21 -7.76
N LEU B 91 9.93 19.40 -7.37
CA LEU B 91 10.77 20.11 -6.45
C LEU B 91 10.88 19.34 -5.19
N CYS B 92 9.81 18.80 -4.68
CA CYS B 92 9.84 18.04 -3.47
C CYS B 92 10.66 16.81 -3.72
N ASP B 93 10.55 16.26 -4.89
CA ASP B 93 11.31 15.09 -5.22
C ASP B 93 12.80 15.33 -5.23
N HIS B 94 13.21 16.50 -5.69
CA HIS B 94 14.60 16.89 -5.75
C HIS B 94 14.68 18.30 -5.23
N PRO B 95 14.88 18.45 -3.93
CA PRO B 95 14.96 19.70 -3.20
C PRO B 95 16.15 20.64 -3.39
N ASP B 96 17.31 20.15 -3.77
CA ASP B 96 18.46 21.03 -3.95
C ASP B 96 18.18 22.06 -5.08
N LEU B 97 17.36 21.62 -6.04
CA LEU B 97 16.74 22.46 -7.05
C LEU B 97 16.23 23.81 -6.54
N LEU B 98 15.79 23.86 -5.30
CA LEU B 98 15.28 25.08 -4.72
C LEU B 98 16.40 26.09 -4.66
N GLN B 99 17.59 25.55 -4.49
CA GLN B 99 18.78 26.33 -4.43
C GLN B 99 19.27 27.16 -5.63
N ARG B 100 19.22 26.60 -6.82
CA ARG B 100 19.66 27.31 -8.01
C ARG B 100 18.65 28.31 -8.55
N GLU B 101 19.08 29.32 -9.26
CA GLU B 101 18.16 30.29 -9.79
C GLU B 101 17.53 30.06 -11.17
N GLU B 102 17.99 29.05 -11.89
CA GLU B 102 17.46 28.75 -13.21
C GLU B 102 16.01 28.45 -13.24
N ILE B 103 15.61 27.71 -12.25
CA ILE B 103 14.26 27.28 -12.04
C ILE B 103 13.25 28.39 -12.16
N LYS B 104 13.59 29.58 -11.75
CA LYS B 104 12.62 30.64 -11.83
C LYS B 104 12.29 30.65 -13.28
N THR B 105 13.24 30.44 -14.15
CA THR B 105 12.92 30.42 -15.56
C THR B 105 12.00 29.24 -16.00
N LEU B 106 12.16 28.05 -15.43
CA LEU B 106 11.42 26.82 -15.77
C LEU B 106 10.17 26.55 -14.93
N PHE B 107 10.29 26.72 -13.62
CA PHE B 107 9.15 26.57 -12.71
C PHE B 107 8.50 27.91 -12.40
N SER B 108 7.20 27.92 -12.15
CA SER B 108 6.48 29.15 -11.79
C SER B 108 6.73 29.54 -10.33
N ALA B 109 6.75 30.83 -10.03
CA ALA B 109 6.94 31.28 -8.64
C ALA B 109 5.96 30.60 -7.65
N ASP B 110 4.76 30.38 -8.17
CA ASP B 110 3.62 29.77 -7.46
C ASP B 110 4.03 28.45 -6.80
N SER B 111 4.65 27.59 -7.61
CA SER B 111 5.00 26.27 -7.20
C SER B 111 6.11 26.30 -6.18
N ILE B 112 7.16 27.04 -6.51
CA ILE B 112 8.36 27.24 -5.69
C ILE B 112 7.99 27.64 -4.28
N SER B 113 7.17 28.67 -4.13
CA SER B 113 6.62 29.02 -2.82
C SER B 113 6.13 27.74 -2.10
N ARG B 114 5.27 27.01 -2.80
CA ARG B 114 4.52 25.91 -2.25
C ARG B 114 5.39 24.68 -1.95
N ALA B 115 6.28 24.33 -2.88
CA ALA B 115 7.19 23.22 -2.64
C ALA B 115 8.02 23.53 -1.42
N LYS B 116 8.26 24.82 -1.21
CA LYS B 116 9.14 25.26 -0.15
C LYS B 116 8.42 25.15 1.18
N GLN B 117 7.17 25.58 1.24
CA GLN B 117 6.51 25.55 2.54
C GLN B 117 6.06 24.13 2.91
N ILE B 118 6.06 23.25 1.92
CA ILE B 118 5.74 21.88 2.15
C ILE B 118 6.96 21.24 2.75
N LEU B 119 8.10 21.49 2.14
CA LEU B 119 9.36 20.93 2.60
C LEU B 119 9.66 21.25 4.08
N ALA B 120 8.87 22.15 4.65
CA ALA B 120 9.14 22.67 5.98
C ALA B 120 8.16 22.10 7.01
N MET B 121 7.09 21.46 6.55
CA MET B 121 6.28 20.70 7.47
C MET B 121 6.81 19.28 7.64
N ILE B 122 7.73 18.88 6.76
CA ILE B 122 8.36 17.56 6.88
C ILE B 122 9.45 17.60 7.95
N PRO B 123 9.32 16.76 9.00
CA PRO B 123 10.25 16.70 10.12
C PRO B 123 11.75 17.03 9.88
N GLY B 124 12.51 16.18 9.19
CA GLY B 124 13.94 16.52 8.98
C GLY B 124 14.21 17.24 7.67
N ARG B 125 13.18 17.85 7.11
CA ARG B 125 13.19 18.27 5.71
C ARG B 125 13.43 17.02 4.86
N ALA B 126 13.12 15.87 5.45
CA ALA B 126 13.52 14.58 4.88
C ALA B 126 12.39 13.91 4.10
N THR B 127 12.62 13.73 2.81
CA THR B 127 11.51 13.36 1.94
C THR B 127 11.42 11.83 1.63
N GLY B 128 12.49 11.12 1.90
CA GLY B 128 12.45 9.66 1.81
C GLY B 128 12.29 8.94 3.13
N ALA B 129 11.96 9.68 4.19
CA ALA B 129 11.68 9.09 5.51
C ALA B 129 10.23 8.62 5.64
N TYR B 130 10.03 7.52 6.36
CA TYR B 130 8.70 7.14 6.81
C TYR B 130 8.14 8.34 7.52
N SER B 131 6.85 8.59 7.38
CA SER B 131 6.20 9.53 8.27
C SER B 131 5.58 8.83 9.51
N HIS B 132 5.08 9.64 10.43
CA HIS B 132 4.05 9.18 11.35
C HIS B 132 3.04 8.33 10.52
N SER B 133 2.39 7.35 11.16
CA SER B 133 1.54 6.40 10.42
C SER B 133 0.25 6.96 9.88
N GLN B 134 -0.15 8.14 10.36
CA GLN B 134 -1.26 8.84 9.76
C GLN B 134 -0.88 9.67 8.52
N GLY B 135 0.42 9.89 8.31
CA GLY B 135 0.92 10.78 7.28
C GLY B 135 1.50 12.02 7.96
N ILE B 136 2.41 12.72 7.29
CA ILE B 136 2.97 13.99 7.75
C ILE B 136 1.91 14.87 8.40
N HIS B 137 2.22 15.37 9.60
CA HIS B 137 1.23 16.18 10.32
C HIS B 137 0.76 17.41 9.55
N GLY B 138 1.70 18.21 9.03
CA GLY B 138 1.38 19.42 8.27
C GLY B 138 0.40 19.14 7.13
N LEU B 139 0.65 18.04 6.42
CA LEU B 139 -0.19 17.65 5.31
C LEU B 139 -1.59 17.39 5.77
N ARG B 140 -1.75 16.64 6.89
CA ARG B 140 -3.08 16.41 7.50
C ARG B 140 -3.79 17.71 7.87
N ASP B 141 -2.98 18.70 8.23
CA ASP B 141 -3.42 20.08 8.53
C ASP B 141 -3.96 20.76 7.25
N ALA B 142 -3.18 20.73 6.18
CA ALA B 142 -3.71 21.20 4.93
C ALA B 142 -5.04 20.49 4.61
N ILE B 143 -5.06 19.16 4.61
CA ILE B 143 -6.30 18.47 4.26
C ILE B 143 -7.46 18.88 5.16
N ALA B 144 -7.20 19.04 6.46
CA ALA B 144 -8.24 19.48 7.40
C ALA B 144 -8.82 20.84 7.06
N SER B 145 -7.97 21.74 6.54
CA SER B 145 -8.42 23.05 6.11
C SER B 145 -9.26 22.98 4.84
N GLY B 146 -8.79 22.24 3.84
CA GLY B 146 -9.57 21.93 2.65
C GLY B 146 -10.97 21.43 3.01
N ILE B 147 -11.06 20.53 3.97
CA ILE B 147 -12.36 20.01 4.33
C ILE B 147 -13.30 21.06 4.95
N ALA B 148 -12.77 21.83 5.90
CA ALA B 148 -13.49 22.96 6.46
C ALA B 148 -14.00 23.88 5.34
N SER B 149 -13.11 24.34 4.46
CA SER B 149 -13.51 25.15 3.31
C SER B 149 -14.65 24.55 2.50
N ARG B 150 -14.63 23.22 2.37
CA ARG B 150 -15.56 22.51 1.53
C ARG B 150 -16.96 22.54 2.13
N ASP B 151 -17.07 22.25 3.44
CA ASP B 151 -18.36 22.16 4.17
C ASP B 151 -18.71 23.36 5.06
N GLY B 152 -17.71 24.15 5.44
CA GLY B 152 -17.91 25.18 6.44
C GLY B 152 -18.22 24.58 7.81
N PHE B 153 -17.67 23.40 8.08
CA PHE B 153 -17.65 22.87 9.42
C PHE B 153 -16.21 22.44 9.76
N PRO B 154 -15.79 22.56 11.01
CA PRO B 154 -14.36 22.35 11.26
C PRO B 154 -14.00 20.85 11.24
N ALA B 155 -12.71 20.58 11.10
CA ALA B 155 -12.21 19.22 10.99
C ALA B 155 -10.74 19.13 11.42
N ASN B 156 -10.42 18.11 12.19
CA ASN B 156 -9.07 17.89 12.70
C ASN B 156 -8.09 17.05 11.95
N ALA B 157 -6.83 17.36 12.12
CA ALA B 157 -5.70 16.70 11.53
C ALA B 157 -5.65 15.26 12.04
N ASP B 158 -6.00 15.09 13.28
CA ASP B 158 -6.02 13.83 13.98
C ASP B 158 -6.96 12.78 13.44
N ASP B 159 -8.10 13.21 12.96
CA ASP B 159 -9.07 12.32 12.43
C ASP B 159 -8.72 11.85 11.03
N ILE B 160 -7.58 12.26 10.50
CA ILE B 160 -7.17 11.88 9.16
C ILE B 160 -6.08 10.82 9.05
N PHE B 161 -6.27 9.90 8.12
CA PHE B 161 -5.30 8.86 7.79
C PHE B 161 -4.91 8.89 6.32
N LEU B 162 -3.67 9.20 6.04
CA LEU B 162 -3.22 9.21 4.68
C LEU B 162 -2.87 7.80 4.34
N THR B 163 -3.37 7.36 3.20
CA THR B 163 -3.21 5.99 2.74
C THR B 163 -2.76 6.02 1.29
N ASP B 164 -2.21 4.89 0.81
CA ASP B 164 -1.82 4.74 -0.57
C ASP B 164 -3.07 4.58 -1.41
N GLY B 165 -3.74 5.68 -1.73
CA GLY B 165 -5.03 5.64 -2.40
C GLY B 165 -6.19 5.43 -1.42
N ALA B 166 -7.40 5.37 -1.94
CA ALA B 166 -8.53 5.15 -1.11
C ALA B 166 -8.55 3.70 -0.63
N SER B 167 -8.11 2.77 -1.48
CA SER B 167 -8.34 1.34 -1.26
C SER B 167 -7.91 0.77 0.12
N PRO B 168 -6.65 1.02 0.54
CA PRO B 168 -6.22 0.29 1.75
C PRO B 168 -7.04 0.69 2.99
N GLY B 169 -7.60 1.90 2.94
CA GLY B 169 -8.50 2.39 3.97
C GLY B 169 -9.78 1.59 4.07
N VAL B 170 -10.23 1.05 2.94
CA VAL B 170 -11.39 0.18 2.93
C VAL B 170 -11.03 -1.18 3.52
N HIS B 171 -9.90 -1.78 3.12
CA HIS B 171 -9.42 -3.00 3.80
C HIS B 171 -9.31 -2.84 5.28
N LEU B 172 -8.94 -1.65 5.73
CA LEU B 172 -8.69 -1.34 7.12
C LEU B 172 -10.00 -1.35 7.93
N MET B 173 -11.07 -0.76 7.43
CA MET B 173 -12.35 -0.87 8.15
C MET B 173 -13.01 -2.25 8.14
N MET B 174 -12.80 -3.01 7.07
CA MET B 174 -13.23 -4.40 7.01
C MET B 174 -12.51 -5.24 8.05
N GLN B 175 -11.18 -5.10 8.08
CA GLN B 175 -10.35 -5.82 9.03
C GLN B 175 -10.79 -5.48 10.46
N LEU B 176 -11.19 -4.25 10.69
CA LEU B 176 -11.61 -3.82 12.03
C LEU B 176 -12.98 -4.38 12.49
N LEU B 177 -13.96 -4.42 11.58
CA LEU B 177 -15.34 -4.69 11.92
C LEU B 177 -15.79 -6.13 11.69
N ILE B 178 -15.07 -6.89 10.89
CA ILE B 178 -15.52 -8.23 10.62
C ILE B 178 -14.84 -9.22 11.56
N ARG B 179 -15.64 -9.90 12.37
CA ARG B 179 -15.05 -10.83 13.33
C ARG B 179 -15.20 -12.21 12.78
N ASN B 180 -16.08 -12.31 11.81
CA ASN B 180 -16.86 -13.49 11.75
C ASN B 180 -17.63 -13.64 10.48
N GLU B 181 -17.94 -14.89 10.14
CA GLU B 181 -18.78 -15.22 9.00
C GLU B 181 -20.18 -14.57 9.08
N LYS B 182 -20.66 -14.27 10.29
CA LYS B 182 -21.99 -13.68 10.54
C LYS B 182 -21.98 -12.14 10.56
N ASP B 183 -20.80 -11.54 10.66
CA ASP B 183 -20.73 -10.08 10.59
C ASP B 183 -20.89 -9.63 9.16
N GLY B 184 -21.63 -8.53 8.97
CA GLY B 184 -22.09 -8.15 7.65
C GLY B 184 -22.11 -6.65 7.42
N ILE B 185 -22.21 -6.29 6.14
CA ILE B 185 -22.02 -4.93 5.67
C ILE B 185 -23.06 -4.67 4.62
N LEU B 186 -23.74 -3.53 4.70
CA LEU B 186 -24.71 -3.22 3.64
C LEU B 186 -23.98 -2.61 2.48
N VAL B 187 -24.18 -3.16 1.28
CA VAL B 187 -23.46 -2.67 0.10
C VAL B 187 -24.37 -2.45 -1.10
N PRO B 188 -24.27 -1.30 -1.75
CA PRO B 188 -25.15 -1.11 -2.90
C PRO B 188 -24.91 -2.12 -4.04
N ILE B 189 -25.97 -2.51 -4.76
CA ILE B 189 -25.82 -3.28 -6.01
C ILE B 189 -26.42 -2.53 -7.23
N PRO B 190 -25.60 -2.25 -8.26
CA PRO B 190 -24.21 -2.61 -8.53
C PRO B 190 -23.22 -1.86 -7.68
N GLN B 191 -22.06 -2.46 -7.49
CA GLN B 191 -21.05 -1.88 -6.64
C GLN B 191 -19.62 -2.12 -7.20
N TYR B 192 -18.79 -1.09 -7.15
CA TYR B 192 -17.38 -1.25 -7.51
C TYR B 192 -16.82 -2.47 -6.71
N PRO B 193 -16.23 -3.47 -7.41
CA PRO B 193 -15.93 -4.79 -6.76
C PRO B 193 -14.89 -4.81 -5.60
N LEU B 194 -14.24 -3.69 -5.32
CA LEU B 194 -13.38 -3.61 -4.12
C LEU B 194 -14.13 -4.01 -2.83
N TYR B 195 -15.42 -3.72 -2.81
CA TYR B 195 -16.25 -3.99 -1.65
C TYR B 195 -16.64 -5.43 -1.50
N SER B 196 -17.13 -6.04 -2.57
CA SER B 196 -17.44 -7.43 -2.51
C SER B 196 -16.18 -8.25 -2.30
N ALA B 197 -15.09 -7.83 -2.92
CA ALA B 197 -13.82 -8.52 -2.77
C ALA B 197 -13.21 -8.43 -1.39
N SER B 198 -13.28 -7.24 -0.80
CA SER B 198 -12.69 -7.00 0.50
C SER B 198 -13.53 -7.66 1.61
N ILE B 199 -14.83 -7.83 1.38
CA ILE B 199 -15.67 -8.50 2.37
C ILE B 199 -15.42 -10.01 2.31
N ALA B 200 -15.18 -10.51 1.10
CA ALA B 200 -14.85 -11.90 0.95
C ALA B 200 -13.48 -12.19 1.55
N LEU B 201 -12.53 -11.25 1.38
CA LEU B 201 -11.16 -11.47 1.88
C LEU B 201 -11.05 -11.39 3.41
N HIS B 202 -11.94 -10.64 4.07
CA HIS B 202 -11.92 -10.66 5.52
C HIS B 202 -13.01 -11.54 6.07
N GLY B 203 -13.58 -12.39 5.21
CA GLY B 203 -14.50 -13.47 5.60
C GLY B 203 -15.74 -13.04 6.36
N GLY B 204 -16.46 -12.09 5.80
CA GLY B 204 -17.70 -11.62 6.35
C GLY B 204 -18.81 -11.72 5.31
N ALA B 205 -19.91 -11.05 5.59
CA ALA B 205 -21.10 -11.23 4.77
C ALA B 205 -21.53 -9.92 4.08
N LEU B 206 -21.62 -9.98 2.75
CA LEU B 206 -22.05 -8.86 1.97
C LEU B 206 -23.57 -8.89 2.02
N VAL B 207 -24.16 -7.78 2.40
CA VAL B 207 -25.61 -7.73 2.38
C VAL B 207 -25.98 -6.76 1.27
N PRO B 208 -26.60 -7.29 0.23
CA PRO B 208 -26.83 -6.42 -0.94
C PRO B 208 -28.06 -5.59 -0.72
N TYR B 209 -28.05 -4.34 -1.17
CA TYR B 209 -29.26 -3.55 -1.31
C TYR B 209 -29.25 -2.91 -2.71
N TYR B 210 -30.30 -3.21 -3.48
CA TYR B 210 -30.37 -2.85 -4.90
C TYR B 210 -30.73 -1.39 -5.18
N LEU B 211 -29.96 -0.72 -6.04
CA LEU B 211 -30.36 0.60 -6.50
C LEU B 211 -31.40 0.39 -7.59
N ASN B 212 -32.21 1.41 -7.85
CA ASN B 212 -33.35 1.19 -8.73
C ASN B 212 -33.08 1.92 -9.99
N GLU B 213 -32.74 1.17 -11.04
CA GLU B 213 -32.39 1.71 -12.38
C GLU B 213 -33.35 2.74 -12.96
N SER B 214 -34.65 2.45 -12.96
CA SER B 214 -35.64 3.30 -13.59
C SER B 214 -35.88 4.64 -12.86
N THR B 215 -35.60 4.68 -11.56
CA THR B 215 -35.62 5.95 -10.80
C THR B 215 -34.25 6.60 -10.62
N GLY B 216 -33.44 6.59 -11.68
CA GLY B 216 -32.11 7.24 -11.71
C GLY B 216 -31.03 6.59 -10.85
N TRP B 217 -31.15 5.27 -10.66
CA TRP B 217 -30.45 4.50 -9.61
C TRP B 217 -30.74 4.99 -8.17
N GLY B 218 -31.99 5.35 -7.95
CA GLY B 218 -32.44 5.82 -6.65
C GLY B 218 -32.28 4.79 -5.54
N LEU B 219 -31.95 5.31 -4.36
CA LEU B 219 -31.81 4.53 -3.15
C LEU B 219 -32.89 4.98 -2.16
N GLU B 220 -33.80 4.08 -1.82
CA GLU B 220 -34.81 4.39 -0.79
C GLU B 220 -34.43 3.67 0.52
N THR B 221 -34.32 4.46 1.58
CA THR B 221 -33.98 3.98 2.92
C THR B 221 -35.07 3.05 3.47
N SER B 222 -36.23 3.03 2.83
CA SER B 222 -37.26 2.07 3.21
C SER B 222 -36.91 0.65 2.71
N ASP B 223 -36.29 0.61 1.53
CA ASP B 223 -35.84 -0.65 0.93
C ASP B 223 -34.55 -1.15 1.57
N VAL B 224 -33.71 -0.25 2.06
CA VAL B 224 -32.50 -0.66 2.72
C VAL B 224 -32.91 -1.27 4.06
N LYS B 225 -33.87 -0.61 4.73
CA LYS B 225 -34.47 -1.10 5.98
C LYS B 225 -35.00 -2.50 5.77
N LYS B 226 -35.62 -2.78 4.62
CA LYS B 226 -36.06 -4.15 4.33
C LYS B 226 -34.91 -5.17 4.31
N GLN B 227 -33.84 -4.81 3.61
CA GLN B 227 -32.67 -5.69 3.41
C GLN B 227 -31.98 -5.97 4.72
N LEU B 228 -31.98 -4.94 5.57
CA LEU B 228 -31.41 -5.02 6.90
C LEU B 228 -32.12 -6.04 7.82
N GLU B 229 -33.44 -6.01 7.90
CA GLU B 229 -34.13 -6.94 8.79
C GLU B 229 -33.97 -8.32 8.21
N ASP B 230 -34.23 -8.51 6.90
CA ASP B 230 -34.04 -9.84 6.31
C ASP B 230 -32.71 -10.49 6.68
N ALA B 231 -31.66 -9.66 6.70
CA ALA B 231 -30.31 -10.08 7.09
C ALA B 231 -30.20 -10.43 8.58
N ARG B 232 -30.68 -9.50 9.43
CA ARG B 232 -30.79 -9.73 10.86
C ARG B 232 -31.57 -11.00 11.19
N SER B 233 -32.53 -11.33 10.33
CA SER B 233 -33.29 -12.54 10.48
C SER B 233 -32.50 -13.76 10.04
N ARG B 234 -31.67 -13.63 9.02
CA ARG B 234 -30.81 -14.76 8.64
C ARG B 234 -29.71 -14.87 9.69
N GLY B 235 -29.83 -14.09 10.74
CA GLY B 235 -28.93 -14.21 11.86
C GLY B 235 -27.62 -13.47 11.67
N ILE B 236 -27.50 -12.71 10.58
CA ILE B 236 -26.32 -11.90 10.34
C ILE B 236 -26.42 -10.54 11.10
N ASN B 237 -25.33 -10.16 11.75
CA ASN B 237 -25.21 -8.91 12.46
C ASN B 237 -24.62 -7.87 11.52
N VAL B 238 -25.41 -6.89 11.15
CA VAL B 238 -24.97 -5.92 10.18
C VAL B 238 -24.29 -4.74 10.88
N ARG B 239 -22.99 -4.60 10.64
CA ARG B 239 -22.19 -3.60 11.31
C ARG B 239 -22.05 -2.24 10.62
N ALA B 240 -22.33 -2.14 9.31
CA ALA B 240 -22.02 -0.89 8.56
C ALA B 240 -22.78 -0.73 7.27
N LEU B 241 -22.74 0.48 6.75
CA LEU B 241 -23.40 0.78 5.51
C LEU B 241 -22.42 1.46 4.55
N VAL B 242 -22.27 0.94 3.34
CA VAL B 242 -21.46 1.65 2.37
C VAL B 242 -22.28 2.40 1.36
N VAL B 243 -22.03 3.70 1.27
CA VAL B 243 -22.67 4.51 0.27
C VAL B 243 -21.56 4.99 -0.60
N ILE B 244 -21.73 4.86 -1.90
CA ILE B 244 -20.73 5.31 -2.88
C ILE B 244 -21.28 6.56 -3.60
N ASN B 245 -20.77 7.74 -3.32
CA ASN B 245 -21.48 8.93 -3.84
C ASN B 245 -20.58 10.03 -4.34
N PRO B 246 -20.54 10.25 -5.66
CA PRO B 246 -21.18 9.56 -6.79
C PRO B 246 -20.89 8.07 -6.90
N GLY B 247 -21.82 7.32 -7.47
CA GLY B 247 -21.70 5.89 -7.62
C GLY B 247 -20.67 5.40 -8.64
N ASN B 248 -20.31 4.12 -8.54
CA ASN B 248 -19.55 3.45 -9.54
C ASN B 248 -20.07 2.06 -9.39
N PRO B 249 -20.63 1.48 -10.47
CA PRO B 249 -20.63 1.93 -11.87
C PRO B 249 -21.75 2.84 -12.27
N THR B 250 -22.65 3.13 -11.37
CA THR B 250 -23.92 3.62 -11.88
C THR B 250 -23.89 5.14 -12.03
N GLY B 251 -22.78 5.77 -11.64
CA GLY B 251 -22.66 7.24 -11.66
C GLY B 251 -23.69 8.25 -11.15
N GLN B 252 -24.68 7.85 -10.35
CA GLN B 252 -25.67 8.82 -9.79
C GLN B 252 -25.05 9.75 -8.75
N VAL B 253 -25.73 10.86 -8.50
CA VAL B 253 -25.31 11.79 -7.46
C VAL B 253 -26.50 12.01 -6.54
N LEU B 254 -26.31 11.72 -5.25
CA LEU B 254 -27.35 11.82 -4.20
C LEU B 254 -27.91 13.22 -3.93
N ALA B 255 -29.19 13.32 -3.59
CA ALA B 255 -29.86 14.56 -3.26
C ALA B 255 -29.65 14.76 -1.77
N GLU B 256 -29.63 15.99 -1.30
CA GLU B 256 -29.42 16.30 0.08
C GLU B 256 -30.45 15.71 0.91
N GLU B 257 -31.66 15.77 0.46
CA GLU B 257 -32.72 15.22 1.23
C GLU B 257 -32.50 13.77 1.39
N ASN B 258 -32.11 13.06 0.33
CA ASN B 258 -31.93 11.65 0.51
C ASN B 258 -30.84 11.33 1.45
N GLN B 259 -29.73 12.01 1.31
CA GLN B 259 -28.63 11.82 2.23
C GLN B 259 -29.01 12.00 3.71
N TYR B 260 -29.75 13.04 4.05
CA TYR B 260 -30.24 13.18 5.44
C TYR B 260 -30.98 11.93 5.94
N ASP B 261 -31.83 11.34 5.11
CA ASP B 261 -32.59 10.17 5.54
C ASP B 261 -31.61 9.03 5.84
N ILE B 262 -30.58 8.92 5.01
CA ILE B 262 -29.54 7.93 5.24
C ILE B 262 -28.79 8.16 6.58
N VAL B 263 -28.44 9.39 6.90
CA VAL B 263 -27.71 9.60 8.15
C VAL B 263 -28.53 9.19 9.36
N LYS B 264 -29.79 9.64 9.40
CA LYS B 264 -30.71 9.32 10.48
C LYS B 264 -30.96 7.84 10.50
N PHE B 265 -31.09 7.24 9.37
CA PHE B 265 -31.30 5.83 9.33
C PHE B 265 -30.11 5.17 9.95
N CYS B 266 -28.92 5.63 9.66
CA CYS B 266 -27.75 5.01 10.25
C CYS B 266 -27.67 5.15 11.72
N LYS B 267 -27.97 6.33 12.23
CA LYS B 267 -27.92 6.56 13.66
C LYS B 267 -28.91 5.73 14.40
N ASN B 268 -30.10 5.67 13.86
CA ASN B 268 -31.17 4.91 14.45
C ASN B 268 -30.93 3.44 14.48
N GLU B 269 -30.35 2.95 13.40
CA GLU B 269 -30.05 1.54 13.24
C GLU B 269 -28.77 1.01 13.90
N GLY B 270 -27.83 1.87 14.20
CA GLY B 270 -26.57 1.47 14.84
C GLY B 270 -25.42 1.17 13.89
N LEU B 271 -25.54 1.62 12.66
CA LEU B 271 -24.55 1.26 11.64
C LEU B 271 -23.32 2.22 11.60
N VAL B 272 -22.16 1.69 11.18
CA VAL B 272 -21.09 2.58 10.78
C VAL B 272 -21.43 3.11 9.41
N LEU B 273 -21.20 4.39 9.16
CA LEU B 273 -21.38 4.88 7.79
C LEU B 273 -20.02 5.05 7.08
N LEU B 274 -19.85 4.25 6.02
CA LEU B 274 -18.67 4.24 5.18
C LEU B 274 -19.00 4.92 3.87
N ALA B 275 -18.55 6.17 3.75
CA ALA B 275 -18.86 7.01 2.62
C ALA B 275 -17.68 7.03 1.70
N ASP B 276 -17.89 6.57 0.48
CA ASP B 276 -16.83 6.51 -0.50
C ASP B 276 -17.02 7.65 -1.49
N GLU B 277 -16.31 8.75 -1.32
CA GLU B 277 -16.55 9.97 -2.11
C GLU B 277 -15.41 10.24 -3.05
N VAL B 278 -14.83 9.18 -3.55
CA VAL B 278 -13.69 9.25 -4.45
C VAL B 278 -13.94 10.10 -5.72
N TYR B 279 -15.21 10.31 -6.05
CA TYR B 279 -15.62 11.07 -7.23
C TYR B 279 -16.26 12.44 -6.95
N GLN B 280 -16.02 12.98 -5.76
CA GLN B 280 -16.47 14.34 -5.41
C GLN B 280 -16.40 15.33 -6.53
N GLU B 281 -15.25 15.47 -7.18
CA GLU B 281 -15.09 16.49 -8.25
C GLU B 281 -15.56 16.05 -9.67
N ASN B 282 -16.20 14.88 -9.77
CA ASN B 282 -16.74 14.42 -11.06
C ASN B 282 -18.25 14.59 -11.19
N ILE B 283 -18.70 15.84 -11.29
CA ILE B 283 -20.13 16.11 -11.36
C ILE B 283 -20.42 16.82 -12.64
N TYR B 284 -21.32 16.25 -13.43
CA TYR B 284 -21.62 16.80 -14.75
C TYR B 284 -23.06 17.29 -14.89
N VAL B 285 -23.79 17.37 -13.80
CA VAL B 285 -25.14 17.87 -13.92
C VAL B 285 -25.34 19.11 -13.08
N ASP B 286 -25.64 20.21 -13.77
CA ASP B 286 -25.89 21.52 -13.15
C ASP B 286 -27.02 21.48 -12.14
N ASN B 287 -27.90 20.50 -12.33
CA ASN B 287 -29.06 20.29 -11.49
C ASN B 287 -28.64 20.27 -10.03
N LYS B 288 -27.79 19.29 -9.70
CA LYS B 288 -27.35 18.98 -8.32
C LYS B 288 -25.86 19.14 -8.14
N LYS B 289 -25.45 19.72 -7.03
CA LYS B 289 -24.05 19.74 -6.69
C LYS B 289 -23.69 18.55 -5.78
N PHE B 290 -22.45 18.52 -5.26
CA PHE B 290 -21.96 17.50 -4.28
C PHE B 290 -21.95 17.96 -2.80
N HIS B 291 -22.51 17.13 -1.92
CA HIS B 291 -22.59 17.41 -0.49
C HIS B 291 -21.96 16.26 0.27
N SER B 292 -20.88 16.53 0.98
CA SER B 292 -20.18 15.48 1.71
C SER B 292 -20.97 15.05 2.94
N PHE B 293 -20.98 13.75 3.25
CA PHE B 293 -21.56 13.28 4.50
C PHE B 293 -20.95 13.92 5.76
N LYS B 294 -19.72 14.41 5.75
CA LYS B 294 -19.29 15.22 6.88
C LYS B 294 -20.31 16.33 7.10
N LYS B 295 -20.56 17.13 6.06
CA LYS B 295 -21.52 18.23 6.10
C LYS B 295 -22.91 17.75 6.53
N ILE B 296 -23.47 16.80 5.77
CA ILE B 296 -24.78 16.28 6.11
C ILE B 296 -24.82 15.91 7.60
N VAL B 297 -23.72 15.39 8.17
CA VAL B 297 -23.67 14.95 9.60
C VAL B 297 -23.58 16.11 10.57
N ARG B 298 -22.67 17.05 10.34
CA ARG B 298 -22.58 18.27 11.13
C ARG B 298 -23.86 19.10 11.12
N SER B 299 -24.48 19.20 9.95
CA SER B 299 -25.71 20.00 9.77
C SER B 299 -26.94 19.54 10.55
N LEU B 300 -26.82 18.40 11.22
CA LEU B 300 -27.89 17.85 12.02
C LEU B 300 -27.31 17.99 13.40
N GLY B 301 -26.17 18.64 13.50
CA GLY B 301 -25.44 18.88 14.74
C GLY B 301 -25.04 17.60 15.43
N TYR B 302 -23.79 17.17 15.33
CA TYR B 302 -23.35 15.94 15.97
C TYR B 302 -21.87 15.67 16.25
N GLY B 303 -21.10 16.25 17.16
CA GLY B 303 -19.73 15.74 17.16
C GLY B 303 -19.08 14.41 17.54
N GLU B 304 -19.41 13.77 18.63
CA GLU B 304 -18.75 12.49 18.86
C GLU B 304 -19.77 11.49 19.20
N GLU B 305 -19.75 10.37 18.56
CA GLU B 305 -20.71 9.40 18.91
C GLU B 305 -21.91 9.92 18.20
N ASP B 306 -21.79 10.98 17.42
CA ASP B 306 -23.06 11.26 16.93
C ASP B 306 -23.31 10.00 16.16
N LEU B 307 -22.36 9.59 15.35
CA LEU B 307 -22.50 8.33 14.68
C LEU B 307 -21.14 8.04 14.25
N PRO B 308 -20.83 6.80 13.96
CA PRO B 308 -19.49 6.49 13.53
C PRO B 308 -19.44 6.74 12.06
N LEU B 309 -18.50 7.55 11.63
CA LEU B 309 -18.44 7.83 10.22
C LEU B 309 -17.05 7.78 9.64
N VAL B 310 -16.90 7.14 8.51
CA VAL B 310 -15.62 7.08 7.84
C VAL B 310 -15.79 7.64 6.42
N SER B 311 -15.01 8.61 6.00
CA SER B 311 -15.20 8.99 4.61
C SER B 311 -13.92 9.00 3.82
N TYR B 312 -13.99 8.45 2.61
CA TYR B 312 -12.82 8.28 1.74
C TYR B 312 -12.75 9.31 0.64
N GLN B 313 -11.52 9.78 0.40
CA GLN B 313 -11.18 10.60 -0.75
C GLN B 313 -9.89 10.14 -1.40
N SER B 314 -9.85 10.22 -2.72
CA SER B 314 -8.71 9.81 -3.48
C SER B 314 -8.29 10.73 -4.60
N VAL B 315 -6.99 10.72 -4.78
CA VAL B 315 -6.11 11.36 -5.75
C VAL B 315 -6.26 10.95 -7.21
N SER B 316 -6.58 9.70 -7.39
CA SER B 316 -6.74 9.04 -8.65
C SER B 316 -7.79 9.57 -9.56
N LYS B 317 -8.89 9.97 -9.01
CA LYS B 317 -10.05 10.48 -9.69
C LYS B 317 -10.12 11.97 -10.05
N GLY B 318 -11.30 12.44 -10.29
CA GLY B 318 -11.49 13.83 -10.62
C GLY B 318 -10.79 14.28 -11.85
N TYR B 319 -10.54 15.57 -11.88
CA TYR B 319 -9.88 16.21 -12.96
C TYR B 319 -8.43 15.84 -12.93
N TYR B 320 -7.90 15.78 -11.74
CA TYR B 320 -6.52 15.44 -11.50
C TYR B 320 -5.72 14.18 -11.69
N GLY B 321 -6.29 13.07 -11.30
CA GLY B 321 -5.67 11.75 -11.35
C GLY B 321 -5.22 10.96 -12.47
N GLU B 322 -4.05 10.34 -12.32
CA GLU B 322 -3.23 10.38 -11.10
C GLU B 322 -3.27 9.16 -10.19
N CYS B 323 -3.85 8.11 -10.72
CA CYS B 323 -4.01 6.83 -10.08
C CYS B 323 -2.71 6.16 -9.67
N GLY B 324 -1.66 6.26 -10.46
CA GLY B 324 -0.37 5.69 -10.22
C GLY B 324 0.26 6.17 -8.95
N LYS B 325 0.10 7.42 -8.61
CA LYS B 325 0.63 8.00 -7.40
C LYS B 325 0.10 7.36 -6.14
N ARG B 326 -1.13 6.92 -6.12
CA ARG B 326 -1.67 6.28 -4.94
C ARG B 326 -1.69 7.13 -3.73
N GLY B 327 -2.51 8.12 -3.77
CA GLY B 327 -2.66 8.99 -2.66
C GLY B 327 -4.12 9.10 -2.35
N GLY B 328 -4.40 9.37 -1.08
CA GLY B 328 -5.76 9.43 -0.56
C GLY B 328 -5.72 9.35 0.94
N TYR B 329 -6.90 9.27 1.52
CA TYR B 329 -7.05 9.43 2.95
C TYR B 329 -8.45 9.12 3.36
N PHE B 330 -8.61 8.88 4.66
CA PHE B 330 -9.95 8.80 5.21
C PHE B 330 -10.10 9.63 6.45
N GLU B 331 -11.30 10.11 6.66
CA GLU B 331 -11.56 10.97 7.76
C GLU B 331 -12.54 10.23 8.63
N ILE B 332 -12.10 9.82 9.81
CA ILE B 332 -12.98 9.24 10.82
C ILE B 332 -13.39 10.26 11.84
N THR B 333 -14.62 10.09 12.33
CA THR B 333 -15.27 10.96 13.29
C THR B 333 -16.24 10.03 13.96
N GLY B 334 -16.56 10.24 15.23
CA GLY B 334 -17.57 9.41 15.84
C GLY B 334 -17.13 8.04 16.33
N PHE B 335 -15.83 7.88 16.56
CA PHE B 335 -15.29 6.67 17.18
C PHE B 335 -14.56 7.06 18.46
N SER B 336 -14.71 6.24 19.50
CA SER B 336 -13.99 6.48 20.74
C SER B 336 -12.45 6.23 20.58
N ALA B 337 -11.62 6.96 21.31
CA ALA B 337 -10.30 6.42 21.66
C ALA B 337 -10.74 5.54 22.81
N PRO B 338 -10.33 4.27 22.90
CA PRO B 338 -9.39 3.30 22.29
C PRO B 338 -9.72 2.56 20.96
N VAL B 339 -10.91 2.65 20.39
CA VAL B 339 -11.10 2.14 19.05
C VAL B 339 -10.12 2.83 18.08
N ARG B 340 -9.84 4.13 18.26
CA ARG B 340 -8.89 4.86 17.39
C ARG B 340 -7.49 4.38 17.62
N GLU B 341 -7.21 3.90 18.85
CA GLU B 341 -5.91 3.27 19.14
C GLU B 341 -5.74 2.01 18.28
N GLN B 342 -6.85 1.33 18.00
CA GLN B 342 -6.79 0.11 17.22
C GLN B 342 -6.67 0.33 15.70
N ILE B 343 -7.40 1.28 15.17
CA ILE B 343 -7.23 1.72 13.77
C ILE B 343 -5.74 1.96 13.55
N TYR B 344 -5.21 2.84 14.40
CA TYR B 344 -3.82 3.23 14.37
C TYR B 344 -2.89 2.01 14.31
N LYS B 345 -3.08 1.05 15.19
CA LYS B 345 -2.25 -0.15 15.16
C LYS B 345 -2.17 -0.79 13.76
N ILE B 346 -3.33 -1.14 13.20
CA ILE B 346 -3.37 -1.74 11.87
C ILE B 346 -2.52 -0.94 10.92
N ALA B 347 -2.70 0.35 10.81
CA ALA B 347 -1.90 1.18 9.90
C ALA B 347 -0.42 1.44 10.16
N SER B 348 -0.07 1.31 11.40
CA SER B 348 1.27 1.55 11.73
C SER B 348 2.17 0.68 11.01
N VAL B 349 1.77 -0.59 11.03
CA VAL B 349 2.39 -1.76 10.49
C VAL B 349 2.96 -1.70 9.13
N ASN B 350 2.29 -1.05 8.23
CA ASN B 350 2.81 -0.96 6.93
C ASN B 350 3.64 0.24 6.92
N LEU B 351 3.64 0.88 8.06
CA LEU B 351 4.37 2.09 8.34
C LEU B 351 3.85 3.40 7.84
N CYS B 352 3.62 3.57 6.56
CA CYS B 352 3.14 4.84 6.09
C CYS B 352 2.73 4.70 4.69
N SER B 353 2.12 5.72 4.12
CA SER B 353 1.68 5.70 2.75
C SER B 353 2.82 6.41 2.03
N ASN B 354 3.03 6.23 0.74
CA ASN B 354 4.15 6.92 0.10
C ASN B 354 4.08 8.46 0.17
N ILE B 355 5.25 9.13 0.26
CA ILE B 355 5.27 10.55 0.65
C ILE B 355 4.73 11.42 -0.48
N THR B 356 5.11 11.14 -1.70
CA THR B 356 4.49 11.88 -2.80
C THR B 356 2.96 11.69 -2.94
N GLY B 357 2.44 10.54 -2.56
CA GLY B 357 0.99 10.40 -2.43
C GLY B 357 0.42 11.42 -1.44
N GLN B 358 1.08 11.55 -0.29
CA GLN B 358 0.59 12.43 0.76
C GLN B 358 0.65 13.90 0.31
N ILE B 359 1.68 14.23 -0.44
CA ILE B 359 1.87 15.60 -0.81
C ILE B 359 0.78 15.92 -1.77
N LEU B 360 0.70 15.11 -2.83
CA LEU B 360 -0.34 15.27 -3.81
C LEU B 360 -1.72 15.45 -3.15
N ALA B 361 -2.01 14.70 -2.10
CA ALA B 361 -3.34 14.78 -1.51
C ALA B 361 -3.60 16.17 -0.93
N SER B 362 -2.56 16.81 -0.41
CA SER B 362 -2.73 18.15 0.11
C SER B 362 -2.88 19.13 -1.06
N LEU B 363 -2.06 19.01 -2.10
CA LEU B 363 -2.28 19.80 -3.29
C LEU B 363 -3.72 19.72 -3.83
N VAL B 364 -4.35 18.55 -3.85
CA VAL B 364 -5.70 18.43 -4.42
C VAL B 364 -6.81 19.16 -3.63
N MET B 365 -6.63 19.24 -2.30
CA MET B 365 -7.64 19.86 -1.40
C MET B 365 -7.36 21.35 -1.25
N ASN B 366 -6.09 21.73 -1.30
CA ASN B 366 -5.71 23.14 -1.36
C ASN B 366 -5.07 23.49 -2.69
N PRO B 367 -5.85 23.57 -3.75
CA PRO B 367 -5.24 24.04 -4.99
C PRO B 367 -5.04 25.59 -5.01
N PRO B 368 -4.49 26.09 -6.10
CA PRO B 368 -4.21 27.50 -6.29
C PRO B 368 -5.50 28.23 -6.16
N LYS B 369 -5.53 29.38 -5.49
CA LYS B 369 -6.81 30.04 -5.38
C LYS B 369 -7.01 31.48 -5.71
N ALA B 370 -6.94 31.76 -6.97
CA ALA B 370 -7.13 33.08 -7.47
C ALA B 370 -5.93 33.95 -7.40
N SER B 371 -4.81 33.49 -6.90
CA SER B 371 -3.75 34.45 -6.92
C SER B 371 -2.57 34.18 -7.75
N ASP B 372 -2.27 33.00 -8.21
CA ASP B 372 -1.05 33.08 -9.02
C ASP B 372 -1.23 32.95 -10.51
N GLU B 373 -0.17 33.14 -11.26
CA GLU B 373 -0.23 33.06 -12.71
C GLU B 373 -0.67 31.67 -12.93
N SER B 374 -0.27 30.84 -12.00
CA SER B 374 -0.61 29.44 -12.04
C SER B 374 -2.09 29.30 -11.99
N TYR B 375 -2.86 30.09 -11.29
CA TYR B 375 -4.27 29.77 -11.33
C TYR B 375 -5.06 29.56 -12.65
N ALA B 376 -4.91 30.53 -13.52
CA ALA B 376 -5.58 30.44 -14.76
C ALA B 376 -5.15 29.28 -15.62
N SER B 377 -3.87 28.98 -15.70
CA SER B 377 -3.43 27.89 -16.53
C SER B 377 -4.11 26.70 -15.96
N TYR B 378 -4.18 26.74 -14.65
CA TYR B 378 -4.77 25.76 -13.81
C TYR B 378 -6.24 25.52 -13.89
N LYS B 379 -7.06 26.46 -14.36
CA LYS B 379 -8.50 26.25 -14.27
C LYS B 379 -8.76 26.17 -15.70
N ALA B 380 -7.88 26.71 -16.51
CA ALA B 380 -8.29 26.57 -17.85
C ALA B 380 -8.18 25.11 -17.90
N GLU B 381 -7.05 24.73 -17.32
CA GLU B 381 -6.69 23.33 -17.22
C GLU B 381 -7.65 22.75 -16.37
N LYS B 382 -7.98 23.47 -15.31
CA LYS B 382 -8.99 22.56 -14.68
C LYS B 382 -10.31 22.19 -15.42
N ASP B 383 -10.91 23.19 -16.04
CA ASP B 383 -12.16 23.13 -16.80
C ASP B 383 -12.26 22.30 -18.06
N GLY B 384 -11.22 22.32 -18.82
CA GLY B 384 -11.07 21.58 -20.06
C GLY B 384 -11.38 20.10 -19.88
N ILE B 385 -10.83 19.50 -18.83
CA ILE B 385 -11.01 18.09 -18.58
C ILE B 385 -12.39 17.86 -18.01
N LEU B 386 -12.91 18.53 -17.05
CA LEU B 386 -14.25 18.10 -16.67
C LEU B 386 -15.25 18.08 -17.80
N ALA B 387 -15.12 19.12 -18.58
CA ALA B 387 -15.93 19.34 -19.73
C ALA B 387 -15.79 18.27 -20.80
N SER B 388 -14.57 17.84 -21.01
CA SER B 388 -14.28 16.82 -21.93
C SER B 388 -14.98 15.61 -21.46
N LEU B 389 -14.92 15.39 -20.18
CA LEU B 389 -15.54 14.25 -19.62
C LEU B 389 -17.00 14.27 -19.74
N ALA B 390 -17.58 15.40 -19.48
CA ALA B 390 -19.00 15.52 -19.54
C ALA B 390 -19.54 15.40 -20.94
N ARG B 391 -18.72 15.82 -21.88
CA ARG B 391 -19.06 15.83 -23.26
C ARG B 391 -19.04 14.41 -23.60
N ARG B 392 -18.06 13.76 -23.04
CA ARG B 392 -17.96 12.32 -23.33
C ARG B 392 -19.08 11.45 -22.81
N ALA B 393 -19.51 11.75 -21.63
CA ALA B 393 -20.62 11.02 -20.97
C ALA B 393 -21.94 11.14 -21.75
N LYS B 394 -22.17 12.31 -22.33
CA LYS B 394 -23.39 12.50 -23.10
C LYS B 394 -23.32 11.71 -24.41
N ALA B 395 -22.16 11.66 -25.06
CA ALA B 395 -21.99 10.92 -26.32
C ALA B 395 -22.28 9.44 -26.15
N LEU B 396 -21.62 8.83 -25.16
CA LEU B 396 -21.64 7.39 -25.06
C LEU B 396 -23.04 6.94 -24.73
N GLU B 397 -23.68 7.64 -23.79
CA GLU B 397 -25.04 7.29 -23.41
C GLU B 397 -25.96 7.27 -24.64
N HIS B 398 -25.82 8.28 -25.51
CA HIS B 398 -26.63 8.42 -26.71
C HIS B 398 -26.30 7.32 -27.72
N ALA B 399 -25.03 6.92 -27.74
CA ALA B 399 -24.60 5.89 -28.66
C ALA B 399 -25.23 4.54 -28.27
N PHE B 400 -25.12 4.18 -27.00
CA PHE B 400 -25.63 2.91 -26.51
C PHE B 400 -27.16 2.78 -26.53
N ASN B 401 -27.89 3.86 -26.27
CA ASN B 401 -29.34 3.83 -26.39
C ASN B 401 -29.87 3.49 -27.81
N LYS B 402 -29.40 4.24 -28.81
CA LYS B 402 -29.69 4.00 -30.21
C LYS B 402 -29.62 2.54 -30.60
N LEU B 403 -28.69 1.85 -29.95
CA LEU B 403 -28.44 0.46 -30.19
C LEU B 403 -29.61 -0.36 -29.71
N GLU B 404 -30.09 -1.23 -30.58
CA GLU B 404 -31.25 -2.03 -30.27
C GLU B 404 -30.94 -3.16 -29.26
N GLY B 405 -31.69 -3.19 -28.16
CA GLY B 405 -31.47 -4.18 -27.13
C GLY B 405 -30.67 -3.60 -25.99
N ILE B 406 -30.35 -2.31 -26.10
CA ILE B 406 -29.57 -1.62 -25.11
C ILE B 406 -30.18 -0.28 -24.70
N THR B 407 -30.36 -0.15 -23.38
CA THR B 407 -30.80 1.05 -22.70
C THR B 407 -29.65 1.60 -21.84
N CYS B 408 -29.61 2.92 -21.63
CA CYS B 408 -28.51 3.55 -20.93
C CYS B 408 -28.92 4.84 -20.18
N ASN B 409 -28.85 4.83 -18.86
CA ASN B 409 -29.22 6.00 -18.05
C ASN B 409 -28.25 7.15 -18.16
N GLU B 410 -28.72 8.37 -17.90
CA GLU B 410 -27.81 9.52 -17.68
C GLU B 410 -26.66 9.01 -16.79
N ALA B 411 -25.45 9.52 -17.01
CA ALA B 411 -24.42 9.36 -16.04
C ALA B 411 -24.19 10.76 -15.45
N GLU B 412 -24.69 10.97 -14.26
CA GLU B 412 -24.55 12.23 -13.60
C GLU B 412 -23.16 12.56 -13.15
N GLY B 413 -22.38 11.55 -12.81
CA GLY B 413 -21.04 11.72 -12.33
C GLY B 413 -20.12 10.57 -12.52
N ALA B 414 -18.86 10.76 -12.21
CA ALA B 414 -17.84 9.73 -12.33
C ALA B 414 -17.40 9.47 -13.71
N MET B 415 -16.76 8.34 -13.93
CA MET B 415 -16.27 7.98 -15.24
C MET B 415 -16.91 6.91 -16.06
N TYR B 416 -18.07 6.42 -15.71
CA TYR B 416 -18.62 5.37 -16.51
C TYR B 416 -20.05 5.23 -16.86
N VAL B 417 -20.29 4.46 -17.92
CA VAL B 417 -21.68 4.17 -18.28
C VAL B 417 -21.98 2.71 -17.93
N PHE B 418 -23.25 2.41 -17.59
CA PHE B 418 -23.66 1.07 -17.23
C PHE B 418 -24.91 0.55 -18.01
N PRO B 419 -24.74 0.25 -19.31
CA PRO B 419 -25.88 -0.11 -20.15
C PRO B 419 -26.50 -1.49 -19.88
N GLN B 420 -27.83 -1.57 -19.91
CA GLN B 420 -28.51 -2.83 -19.79
C GLN B 420 -28.52 -3.50 -21.17
N ILE B 421 -28.20 -4.79 -21.25
CA ILE B 421 -28.35 -5.47 -22.52
C ILE B 421 -29.48 -6.39 -22.36
N CYS B 422 -30.31 -6.38 -23.38
CA CYS B 422 -31.45 -7.25 -23.41
C CYS B 422 -31.12 -8.52 -24.24
N LEU B 423 -30.38 -9.44 -23.62
CA LEU B 423 -29.83 -10.62 -24.31
C LEU B 423 -30.87 -11.62 -24.79
N PRO B 424 -30.83 -12.01 -26.09
CA PRO B 424 -31.86 -13.01 -26.50
C PRO B 424 -31.64 -14.34 -25.76
N GLN B 425 -32.68 -15.17 -25.62
CA GLN B 425 -32.52 -16.43 -24.88
C GLN B 425 -31.53 -17.42 -25.53
N LYS B 426 -31.49 -17.51 -26.85
CA LYS B 426 -30.44 -18.29 -27.50
C LYS B 426 -29.04 -17.88 -27.04
N ALA B 427 -28.89 -16.62 -26.65
CA ALA B 427 -27.61 -16.11 -26.09
C ALA B 427 -27.30 -16.56 -24.65
N ILE B 428 -28.31 -16.56 -23.76
CA ILE B 428 -28.24 -17.23 -22.43
C ILE B 428 -27.74 -18.70 -22.59
N GLU B 429 -28.46 -19.53 -23.35
CA GLU B 429 -28.07 -20.90 -23.63
C GLU B 429 -26.58 -21.04 -24.03
N ALA B 430 -26.12 -20.18 -24.95
CA ALA B 430 -24.76 -20.30 -25.45
C ALA B 430 -23.72 -20.13 -24.34
N ALA B 431 -24.12 -19.33 -23.35
CA ALA B 431 -23.27 -18.91 -22.24
C ALA B 431 -23.20 -20.00 -21.21
N LYS B 432 -24.34 -20.61 -20.90
CA LYS B 432 -24.42 -21.84 -20.10
C LYS B 432 -23.51 -22.93 -20.68
N ALA B 433 -23.65 -23.19 -21.98
CA ALA B 433 -22.79 -24.14 -22.66
C ALA B 433 -21.29 -23.74 -22.64
N ALA B 434 -21.00 -22.45 -22.52
CA ALA B 434 -19.61 -22.05 -22.45
C ALA B 434 -19.22 -21.91 -20.98
N ASN B 435 -20.22 -22.04 -20.11
CA ASN B 435 -20.05 -21.95 -18.66
C ASN B 435 -19.62 -20.56 -18.14
N LYS B 436 -20.22 -19.52 -18.70
CA LYS B 436 -19.97 -18.17 -18.26
C LYS B 436 -21.28 -17.52 -17.94
N ALA B 437 -21.23 -16.51 -17.10
CA ALA B 437 -22.37 -15.64 -16.95
C ALA B 437 -22.66 -15.03 -18.32
N PRO B 438 -23.94 -14.83 -18.63
CA PRO B 438 -24.30 -14.37 -19.98
C PRO B 438 -23.60 -13.04 -20.41
N ASP B 439 -23.52 -12.07 -19.52
CA ASP B 439 -22.94 -10.80 -19.92
C ASP B 439 -21.44 -10.90 -20.12
N ALA B 440 -20.81 -11.83 -19.40
CA ALA B 440 -19.40 -12.19 -19.63
C ALA B 440 -19.21 -12.80 -21.04
N PHE B 441 -20.15 -13.64 -21.46
CA PHE B 441 -20.05 -14.31 -22.75
C PHE B 441 -20.06 -13.24 -23.85
N TYR B 442 -20.94 -12.28 -23.65
CA TYR B 442 -21.01 -11.08 -24.46
C TYR B 442 -19.74 -10.25 -24.47
N ALA B 443 -19.24 -9.92 -23.28
CA ALA B 443 -18.02 -9.11 -23.11
C ALA B 443 -16.78 -9.71 -23.78
N LEU B 444 -16.71 -11.04 -23.80
CA LEU B 444 -15.61 -11.79 -24.37
C LEU B 444 -15.73 -11.82 -25.87
N ARG B 445 -16.84 -12.36 -26.36
CA ARG B 445 -17.21 -12.29 -27.75
C ARG B 445 -16.92 -10.94 -28.40
N LEU B 446 -17.36 -9.87 -27.71
CA LEU B 446 -17.05 -8.47 -28.08
C LEU B 446 -15.54 -8.22 -28.15
N LEU B 447 -14.82 -8.53 -27.07
CA LEU B 447 -13.35 -8.46 -27.07
C LEU B 447 -12.69 -9.18 -28.27
N GLU B 448 -13.07 -10.44 -28.53
CA GLU B 448 -12.49 -11.22 -29.60
C GLU B 448 -12.75 -10.76 -31.02
N SER B 449 -13.67 -9.81 -31.19
CA SER B 449 -13.98 -9.26 -32.51
C SER B 449 -13.45 -7.83 -32.77
N THR B 450 -13.44 -7.00 -31.72
CA THR B 450 -13.18 -5.57 -31.86
C THR B 450 -12.03 -5.10 -30.99
N GLY B 451 -11.56 -5.94 -30.08
CA GLY B 451 -10.47 -5.55 -29.21
C GLY B 451 -10.88 -4.69 -28.05
N ILE B 452 -12.18 -4.38 -27.93
CA ILE B 452 -12.63 -3.48 -26.87
C ILE B 452 -12.80 -4.28 -25.59
N VAL B 453 -12.11 -3.86 -24.51
CA VAL B 453 -12.35 -4.45 -23.15
C VAL B 453 -13.35 -3.71 -22.24
N VAL B 454 -14.40 -4.40 -21.81
CA VAL B 454 -15.43 -3.81 -20.93
C VAL B 454 -15.68 -4.83 -19.86
N VAL B 455 -16.07 -4.36 -18.67
CA VAL B 455 -16.38 -5.26 -17.54
C VAL B 455 -17.87 -5.61 -17.52
N PRO B 456 -18.21 -6.90 -17.37
CA PRO B 456 -19.59 -7.39 -17.35
C PRO B 456 -20.32 -7.20 -16.00
N GLY B 457 -21.64 -6.97 -16.05
CA GLY B 457 -22.42 -6.60 -14.90
C GLY B 457 -22.22 -7.56 -13.75
N SER B 458 -22.48 -8.85 -13.97
CA SER B 458 -22.20 -9.85 -12.94
C SER B 458 -20.76 -9.59 -12.81
N GLY B 459 -20.26 -9.20 -11.65
CA GLY B 459 -18.95 -8.55 -11.71
C GLY B 459 -19.02 -7.32 -10.83
N PHE B 460 -20.09 -6.54 -11.01
CA PHE B 460 -20.49 -5.55 -10.03
C PHE B 460 -21.68 -6.04 -9.22
N GLY B 461 -22.30 -7.13 -9.69
CA GLY B 461 -23.59 -7.58 -9.15
C GLY B 461 -24.72 -6.78 -9.79
N GLN B 462 -25.87 -7.41 -9.98
CA GLN B 462 -26.97 -6.70 -10.59
C GLN B 462 -28.29 -7.40 -10.25
N VAL B 463 -29.43 -6.72 -10.44
CA VAL B 463 -30.70 -7.38 -10.10
C VAL B 463 -30.89 -8.65 -10.94
N PRO B 464 -31.23 -9.77 -10.28
CA PRO B 464 -31.23 -11.07 -10.98
C PRO B 464 -32.17 -11.03 -12.15
N GLY B 465 -31.75 -11.61 -13.27
CA GLY B 465 -32.54 -11.55 -14.48
C GLY B 465 -32.09 -10.41 -15.38
N THR B 466 -31.51 -9.33 -14.83
CA THR B 466 -31.05 -8.25 -15.67
C THR B 466 -29.58 -8.43 -16.10
N TRP B 467 -29.15 -7.73 -17.15
CA TRP B 467 -27.78 -7.88 -17.62
C TRP B 467 -27.19 -6.55 -18.08
N HIS B 468 -25.91 -6.32 -17.75
CA HIS B 468 -25.27 -5.04 -17.94
C HIS B 468 -23.77 -5.19 -18.32
N PHE B 469 -23.12 -4.08 -18.68
CA PHE B 469 -21.65 -4.02 -18.79
C PHE B 469 -21.20 -2.57 -18.58
N ARG B 470 -20.02 -2.39 -17.96
CA ARG B 470 -19.47 -1.09 -17.72
C ARG B 470 -18.40 -0.66 -18.73
N CYS B 471 -18.67 0.41 -19.45
CA CYS B 471 -17.65 1.02 -20.25
C CYS B 471 -17.25 2.29 -19.55
N THR B 472 -15.96 2.56 -19.59
CA THR B 472 -15.38 3.79 -19.13
C THR B 472 -15.75 4.99 -20.06
N ILE B 473 -15.72 6.19 -19.53
CA ILE B 473 -16.10 7.37 -20.29
C ILE B 473 -14.86 8.08 -20.86
N LEU B 474 -13.75 7.36 -20.78
CA LEU B 474 -12.39 7.91 -20.78
C LEU B 474 -11.53 7.80 -22.03
N PRO B 475 -11.96 7.07 -23.09
CA PRO B 475 -11.11 7.13 -24.29
C PRO B 475 -11.09 8.54 -24.90
N GLN B 476 -9.94 8.97 -25.38
CA GLN B 476 -9.80 10.30 -25.97
C GLN B 476 -10.94 10.60 -26.96
N GLU B 477 -11.32 11.86 -27.01
CA GLU B 477 -12.55 12.33 -27.68
C GLU B 477 -12.73 11.88 -29.16
N ASP B 478 -11.60 11.80 -29.88
CA ASP B 478 -11.48 11.41 -31.30
C ASP B 478 -11.71 9.94 -31.55
N LYS B 479 -11.34 9.12 -30.58
CA LYS B 479 -11.39 7.68 -30.77
C LYS B 479 -12.81 7.12 -30.61
N ILE B 480 -13.70 7.85 -29.95
CA ILE B 480 -15.05 7.34 -29.64
C ILE B 480 -15.86 6.92 -30.87
N PRO B 481 -16.06 7.83 -31.85
CA PRO B 481 -16.83 7.42 -33.04
C PRO B 481 -16.32 6.13 -33.68
N ALA B 482 -15.00 5.96 -33.80
CA ALA B 482 -14.45 4.75 -34.42
C ALA B 482 -14.75 3.52 -33.52
N VAL B 483 -14.56 3.69 -32.22
CA VAL B 483 -14.89 2.66 -31.27
C VAL B 483 -16.34 2.29 -31.30
N ILE B 484 -17.26 3.24 -31.36
CA ILE B 484 -18.63 2.77 -31.40
C ILE B 484 -19.09 2.28 -32.79
N SER B 485 -18.28 2.38 -33.85
CA SER B 485 -18.69 1.74 -35.14
C SER B 485 -18.37 0.28 -35.13
N ARG B 486 -17.22 -0.08 -34.55
CA ARG B 486 -16.87 -1.48 -34.39
C ARG B 486 -17.85 -2.12 -33.41
N PHE B 487 -18.13 -1.43 -32.31
CA PHE B 487 -19.03 -1.96 -31.35
C PHE B 487 -20.35 -2.30 -32.04
N THR B 488 -20.87 -1.35 -32.81
CA THR B 488 -22.19 -1.53 -33.39
C THR B 488 -22.26 -2.58 -34.50
N VAL B 489 -21.18 -2.77 -35.25
CA VAL B 489 -21.20 -3.77 -36.28
C VAL B 489 -21.13 -5.15 -35.62
N PHE B 490 -20.32 -5.27 -34.57
CA PHE B 490 -20.34 -6.46 -33.72
C PHE B 490 -21.69 -6.69 -33.06
N HIS B 491 -22.30 -5.65 -32.51
CA HIS B 491 -23.45 -5.83 -31.64
C HIS B 491 -24.60 -6.44 -32.38
N GLU B 492 -25.00 -5.74 -33.45
CA GLU B 492 -26.05 -6.23 -34.31
C GLU B 492 -25.75 -7.52 -35.09
N ALA B 493 -24.49 -7.93 -35.21
CA ALA B 493 -24.17 -9.27 -35.75
C ALA B 493 -24.48 -10.33 -34.69
N PHE B 494 -24.12 -9.99 -33.44
CA PHE B 494 -24.38 -10.82 -32.28
C PHE B 494 -25.86 -11.00 -32.06
N MET B 495 -26.61 -9.91 -32.09
CA MET B 495 -28.06 -9.97 -32.00
C MET B 495 -28.80 -10.77 -33.10
N SER B 496 -28.24 -10.92 -34.31
CA SER B 496 -28.99 -11.74 -35.28
C SER B 496 -28.51 -13.15 -35.38
N GLU B 497 -27.28 -13.40 -34.95
CA GLU B 497 -26.85 -14.74 -34.72
C GLU B 497 -27.78 -15.41 -33.69
N TYR B 498 -28.23 -14.66 -32.68
CA TYR B 498 -28.98 -15.21 -31.53
C TYR B 498 -30.45 -14.88 -31.56
N ARG B 499 -30.88 -14.21 -32.61
CA ARG B 499 -32.28 -14.14 -32.97
C ARG B 499 -32.95 -15.42 -32.58
N1 DCS C . 11.42 -6.95 6.36
C2 DCS C . 12.33 -6.58 7.26
C2A DCS C . 13.29 -7.58 7.81
C3 DCS C . 12.41 -5.18 7.70
O3 DCS C . 13.34 -4.81 8.61
C4 DCS C . 11.45 -4.23 7.16
C4A DCS C . 11.39 -2.76 7.49
C5 DCS C . 10.50 -4.75 6.15
C6 DCS C . 10.55 -6.09 5.82
C5A DCS C . 9.50 -3.80 5.53
O4P DCS C . 10.19 -2.69 4.88
P DCS C . 9.41 -1.77 3.83
O1P DCS C . 9.98 -2.05 2.47
O2P DCS C . 7.94 -2.20 3.82
O3P DCS C . 9.72 -0.35 4.27
N DCS C . 12.17 -2.38 8.64
CA DCS C . 11.42 -2.06 9.81
C DCS C . 12.29 -1.51 10.84
O DCS C . 12.98 -2.19 11.54
ND DCS C . 12.15 -0.22 10.91
OG DCS C . 11.01 0.16 10.30
CB DCS C . 10.44 -0.92 9.57
N1 DCS D . -13.67 3.53 -4.43
C2 DCS D . -14.24 3.58 -5.65
C2A DCS D . -15.72 3.77 -5.75
C3 DCS D . -13.45 3.49 -6.90
O3 DCS D . -14.08 3.57 -8.13
C4 DCS D . -11.97 3.30 -6.71
C4A DCS D . -11.03 3.14 -7.87
C5 DCS D . -11.49 3.26 -5.29
C6 DCS D . -12.37 3.38 -4.24
C5A DCS D . -10.03 3.08 -4.95
O4P DCS D . -9.36 4.21 -5.45
P DCS D . -7.81 4.41 -5.25
O1P DCS D . -7.74 5.73 -4.55
O2P DCS D . -7.34 3.28 -4.39
O3P DCS D . -7.39 4.37 -6.69
N DCS D . -11.75 2.80 -9.08
CA DCS D . -11.37 1.76 -10.02
C DCS D . -12.39 1.50 -11.10
O DCS D . -13.58 1.71 -10.98
ND DCS D . -11.81 1.06 -12.19
OG DCS D . -10.49 1.38 -12.08
CB DCS D . -10.10 2.01 -10.84
#